data_5XLA
#
_entry.id   5XLA
#
_cell.length_a   100.722
_cell.length_b   100.722
_cell.length_c   686.660
_cell.angle_alpha   90.00
_cell.angle_beta   90.00
_cell.angle_gamma   120.00
#
_symmetry.space_group_name_H-M   'H 3 2'
#
loop_
_entity.id
_entity.type
_entity.pdbx_description
1 polymer Hemagglutinin
2 non-polymer 2-acetamido-2-deoxy-beta-D-glucopyranose
3 non-polymer 'N-acetyl-alpha-neuraminic acid'
4 water water
#
_entity_poly.entity_id   1
_entity_poly.type   'polypeptide(L)'
_entity_poly.pdbx_seq_one_letter_code
;QNYTGNPVICMGHHAVANGTMVKTLADDQVEVVTAQELVESQNLPELCPSPLRLVDGQTCDIINGALGSPGCDHLNGAEW
DVFIERPNAVDTCYPFDVPEYQSLRSILANNGKFEFIAEEFQWNTVKQNGKSGACKRANVNDFFNRLNWLVKSDGNAYPL
QNLTKINNGDYARLYIWGVHHPSTDTEQTNLYKNNPGGVTVSTKTSQTSVVPNIGSRPLVRGQSSRVSFYWTIVEPGDLI
VFNTIGNLIAPRGHYKLNNQKKSTILNTAIPIGSCVSKCHTDKGSLSTTKPFQNISRIAVGDCPRYVKQGSLKLATGMRN
IPEKASRGLFGAIAGFIENGWQGLIDGWYGFRHQNAEGTGTAADLKSTQAAIDQINGKLNRLIEKTNDKYHQIEKEFEQV
EGRIQDLEKYVEDTKIDLWSYNAELLVALENQHTIDVTDSEMNKLFERVRRQLRENAEDKGNGCFEIFHKCDNNCIESIR
NGTYDHDIYRDEAINNRFQIQGV
;
_entity_poly.pdbx_strand_id   A,B
#
# COMPACT_ATOMS: atom_id res chain seq x y z
N GLY A 5 -17.08 -4.30 8.00
CA GLY A 5 -17.03 -3.69 9.31
C GLY A 5 -15.66 -3.94 9.84
N ASN A 6 -14.66 -3.52 9.06
CA ASN A 6 -13.35 -4.09 9.24
C ASN A 6 -12.18 -3.17 8.83
N PRO A 7 -12.20 -2.57 7.63
CA PRO A 7 -11.09 -1.63 7.36
C PRO A 7 -11.15 -0.42 8.28
N VAL A 8 -10.00 0.18 8.52
CA VAL A 8 -9.88 1.34 9.40
C VAL A 8 -9.04 2.43 8.72
N ILE A 9 -9.48 3.68 8.82
CA ILE A 9 -8.62 4.79 8.40
C ILE A 9 -8.46 5.77 9.56
N CYS A 10 -7.20 6.13 9.83
CA CYS A 10 -6.86 7.01 10.95
C CYS A 10 -6.27 8.30 10.44
N MET A 11 -6.72 9.42 11.02
CA MET A 11 -6.16 10.72 10.68
C MET A 11 -5.19 11.15 11.79
N GLY A 12 -4.04 11.70 11.39
CA GLY A 12 -3.06 12.08 12.39
C GLY A 12 -2.10 13.19 11.97
N HIS A 13 -1.05 13.34 12.75
CA HIS A 13 -0.09 14.42 12.55
C HIS A 13 1.33 13.92 12.78
N HIS A 14 2.31 14.69 12.32
CA HIS A 14 3.71 14.30 12.46
C HIS A 14 4.21 14.52 13.89
N ALA A 15 5.38 13.97 14.18
CA ALA A 15 6.06 14.18 15.45
C ALA A 15 7.54 13.89 15.27
N VAL A 16 8.37 14.40 16.17
CA VAL A 16 9.79 14.06 16.15
C VAL A 16 10.20 13.57 17.53
N ALA A 17 11.38 12.96 17.63
CA ALA A 17 11.84 12.38 18.89
C ALA A 17 11.94 13.43 20.01
N ASN A 18 12.50 14.59 19.68
CA ASN A 18 12.67 15.64 20.68
C ASN A 18 12.54 17.04 20.08
N GLY A 19 11.59 17.81 20.60
CA GLY A 19 11.32 19.12 20.05
C GLY A 19 11.89 20.24 20.91
N THR A 20 11.23 21.39 20.88
CA THR A 20 11.69 22.57 21.59
C THR A 20 10.59 23.12 22.50
N MET A 21 10.96 23.48 23.72
CA MET A 21 10.01 24.07 24.66
C MET A 21 9.72 25.52 24.33
N VAL A 22 8.44 25.90 24.37
CA VAL A 22 8.07 27.30 24.18
C VAL A 22 7.03 27.69 25.22
N LYS A 23 6.87 28.99 25.41
CA LYS A 23 5.87 29.52 26.34
C LYS A 23 4.62 30.00 25.60
N THR A 24 3.46 29.78 26.21
CA THR A 24 2.20 30.32 25.70
C THR A 24 1.53 31.18 26.78
N LEU A 25 0.33 31.66 26.49
CA LEU A 25 -0.47 32.34 27.50
C LEU A 25 -0.86 31.39 28.63
N ALA A 26 -1.13 30.14 28.27
CA ALA A 26 -1.68 29.16 29.21
C ALA A 26 -0.64 28.19 29.78
N ASP A 27 0.54 28.14 29.18
CA ASP A 27 1.55 27.17 29.61
C ASP A 27 2.93 27.77 29.75
N ASP A 28 3.66 27.36 30.79
CA ASP A 28 5.03 27.82 30.98
C ASP A 28 5.93 27.20 29.94
N GLN A 29 5.73 25.91 29.68
CA GLN A 29 6.59 25.16 28.77
C GLN A 29 5.84 24.05 28.05
N VAL A 30 5.67 24.20 26.74
CA VAL A 30 5.12 23.11 25.94
C VAL A 30 6.07 22.81 24.79
N GLU A 31 6.18 21.53 24.48
CA GLU A 31 7.11 21.07 23.47
C GLU A 31 6.44 21.14 22.10
N VAL A 32 7.11 21.78 21.15
CA VAL A 32 6.61 21.88 19.80
C VAL A 32 7.64 21.30 18.85
N VAL A 33 7.22 20.96 17.63
CA VAL A 33 8.07 20.24 16.70
C VAL A 33 9.24 21.10 16.24
N THR A 34 8.95 22.36 15.90
CA THR A 34 10.01 23.31 15.57
C THR A 34 9.75 24.66 16.22
N ALA A 35 10.82 25.42 16.43
CA ALA A 35 10.73 26.76 17.00
C ALA A 35 11.87 27.61 16.48
N GLN A 36 11.75 28.93 16.64
CA GLN A 36 12.75 29.86 16.16
C GLN A 36 13.11 30.86 17.26
N GLU A 37 14.41 31.02 17.50
CA GLU A 37 14.90 31.96 18.50
C GLU A 37 14.76 33.40 17.98
N LEU A 38 14.18 34.28 18.80
CA LEU A 38 13.96 35.67 18.34
C LEU A 38 14.95 36.67 18.93
N VAL A 39 15.75 36.24 19.89
CA VAL A 39 16.71 37.15 20.51
C VAL A 39 18.14 36.85 20.05
N GLU A 40 18.76 37.81 19.37
CA GLU A 40 20.15 37.66 19.00
C GLU A 40 21.06 37.84 20.20
N SER A 41 21.81 36.79 20.55
CA SER A 41 22.69 36.84 21.70
C SER A 41 24.17 36.63 21.31
N GLN A 42 24.43 36.64 20.01
CA GLN A 42 25.78 36.44 19.50
C GLN A 42 26.21 37.63 18.65
N ASN A 43 27.40 38.15 18.92
CA ASN A 43 27.93 39.26 18.16
C ASN A 43 29.26 38.91 17.51
N LEU A 44 29.52 39.52 16.36
CA LEU A 44 30.82 39.40 15.72
C LEU A 44 31.86 40.16 16.56
N PRO A 45 33.09 39.64 16.63
CA PRO A 45 34.14 40.32 17.40
C PRO A 45 34.82 41.44 16.61
N GLU A 46 34.14 41.98 15.60
CA GLU A 46 34.68 43.05 14.77
C GLU A 46 33.57 43.99 14.32
N LEU A 47 33.94 45.07 13.65
CA LEU A 47 32.96 46.02 13.10
C LEU A 47 32.98 46.00 11.57
N CYS A 48 31.80 46.06 10.97
CA CYS A 48 31.67 45.95 9.51
C CYS A 48 31.73 47.32 8.84
N PRO A 49 32.67 47.49 7.88
CA PRO A 49 32.92 48.74 7.16
C PRO A 49 31.91 48.99 6.05
N SER A 50 31.03 48.02 5.83
CA SER A 50 29.99 48.12 4.80
C SER A 50 28.68 47.53 5.33
N PRO A 51 27.54 48.08 4.86
CA PRO A 51 27.41 49.16 3.88
C PRO A 51 27.48 50.57 4.48
N LEU A 52 27.65 50.68 5.79
CA LEU A 52 27.75 51.99 6.43
C LEU A 52 29.20 52.45 6.47
N ARG A 53 29.42 53.73 6.20
CA ARG A 53 30.78 54.28 6.21
C ARG A 53 31.27 54.50 7.63
N LEU A 54 32.23 53.69 8.05
CA LEU A 54 32.82 53.81 9.39
C LEU A 54 34.15 54.58 9.31
N VAL A 55 34.34 55.53 10.23
CA VAL A 55 35.57 56.29 10.29
C VAL A 55 36.24 56.14 11.65
N ASP A 56 37.42 55.54 11.65
CA ASP A 56 38.16 55.29 12.88
C ASP A 56 38.95 56.52 13.33
N GLY A 57 38.59 57.06 14.50
CA GLY A 57 39.29 58.20 15.06
C GLY A 57 40.69 57.80 15.49
N GLN A 58 40.85 56.52 15.79
CA GLN A 58 42.12 55.95 16.25
C GLN A 58 42.51 56.64 17.55
N THR A 59 43.72 57.21 17.58
CA THR A 59 44.25 57.80 18.80
C THR A 59 43.55 59.12 19.12
N CYS A 60 42.69 59.55 18.22
CA CYS A 60 42.06 60.86 18.31
C CYS A 60 40.55 60.77 18.52
N ASP A 61 40.04 61.34 19.61
CA ASP A 61 38.60 61.43 19.81
C ASP A 61 38.05 62.53 18.90
N ILE A 62 36.73 62.66 18.83
CA ILE A 62 36.12 63.52 17.81
C ILE A 62 36.33 65.02 18.10
N ILE A 63 36.49 65.38 19.38
CA ILE A 63 36.73 66.78 19.71
C ILE A 63 38.11 67.22 19.19
N ASN A 64 39.13 66.42 19.50
CA ASN A 64 40.49 66.70 19.04
C ASN A 64 40.60 66.71 17.52
N GLY A 65 39.77 65.92 16.85
CA GLY A 65 39.77 65.87 15.40
C GLY A 65 39.22 67.14 14.78
N ALA A 66 38.29 67.78 15.49
CA ALA A 66 37.73 69.04 15.03
C ALA A 66 38.65 70.20 15.38
N LEU A 67 39.41 70.02 16.46
CA LEU A 67 40.38 71.02 16.89
C LEU A 67 41.60 71.02 15.98
N GLY A 68 41.93 69.83 15.47
CA GLY A 68 43.09 69.68 14.61
C GLY A 68 44.34 69.34 15.40
N SER A 69 44.17 68.56 16.46
CA SER A 69 45.28 68.11 17.29
C SER A 69 46.27 67.26 16.50
N PRO A 70 47.51 67.12 17.00
CA PRO A 70 48.51 66.27 16.34
C PRO A 70 48.06 64.81 16.23
N GLY A 71 48.22 64.22 15.05
CA GLY A 71 47.85 62.84 14.83
C GLY A 71 46.42 62.69 14.35
N CYS A 72 45.72 63.80 14.20
CA CYS A 72 44.32 63.79 13.77
C CYS A 72 44.18 64.24 12.32
N ASP A 73 45.25 64.08 11.55
CA ASP A 73 45.27 64.57 10.17
C ASP A 73 44.41 63.72 9.23
N HIS A 74 44.32 62.43 9.50
CA HIS A 74 43.53 61.53 8.66
C HIS A 74 42.05 61.88 8.69
N LEU A 75 41.61 62.46 9.81
CA LEU A 75 40.20 62.83 9.97
C LEU A 75 39.82 64.04 9.12
N ASN A 76 40.82 64.70 8.54
CA ASN A 76 40.57 65.83 7.65
C ASN A 76 39.86 65.36 6.39
N GLY A 77 38.77 66.05 6.04
CA GLY A 77 37.99 65.70 4.87
C GLY A 77 37.11 64.47 5.03
N ALA A 78 37.18 63.83 6.19
CA ALA A 78 36.49 62.57 6.44
C ALA A 78 34.97 62.68 6.45
N GLU A 79 34.31 61.66 5.91
CA GLU A 79 32.85 61.55 5.94
C GLU A 79 32.44 60.24 6.59
N TRP A 80 31.45 60.27 7.47
CA TRP A 80 31.04 59.07 8.19
C TRP A 80 29.53 58.97 8.43
N ASP A 81 29.04 57.73 8.49
CA ASP A 81 27.72 57.43 9.03
C ASP A 81 27.87 57.25 10.53
N VAL A 82 28.89 56.49 10.91
CA VAL A 82 29.23 56.27 12.32
C VAL A 82 30.69 56.59 12.57
N PHE A 83 30.94 57.63 13.36
CA PHE A 83 32.30 57.94 13.80
C PHE A 83 32.69 56.96 14.89
N ILE A 84 33.70 56.14 14.62
CA ILE A 84 34.19 55.19 15.63
C ILE A 84 35.26 55.86 16.49
N GLU A 85 34.92 56.05 17.77
CA GLU A 85 35.78 56.75 18.71
C GLU A 85 36.37 55.77 19.72
N ARG A 86 37.69 55.80 19.88
CA ARG A 86 38.37 54.84 20.75
C ARG A 86 38.47 55.33 22.18
N PRO A 87 38.21 54.42 23.15
CA PRO A 87 38.24 54.77 24.57
C PRO A 87 39.64 55.06 25.10
N ASN A 88 40.68 54.62 24.39
CA ASN A 88 42.04 54.87 24.84
C ASN A 88 42.67 56.10 24.17
N ALA A 89 41.84 56.90 23.51
CA ALA A 89 42.28 58.10 22.81
C ALA A 89 43.03 59.05 23.74
N VAL A 90 43.96 59.81 23.16
CA VAL A 90 44.88 60.62 23.94
C VAL A 90 44.85 62.10 23.58
N ASP A 91 45.01 62.96 24.59
CA ASP A 91 45.21 64.38 24.34
C ASP A 91 46.65 64.60 23.89
N THR A 92 46.82 65.23 22.74
CA THR A 92 48.16 65.47 22.20
C THR A 92 48.47 66.94 22.03
N CYS A 93 47.83 67.79 22.83
CA CYS A 93 48.04 69.22 22.69
C CYS A 93 47.75 69.98 23.99
N TYR A 94 47.56 71.29 23.86
CA TYR A 94 47.36 72.19 25.00
C TYR A 94 46.15 71.79 25.83
N PRO A 95 46.34 71.63 27.15
CA PRO A 95 45.27 71.28 28.11
C PRO A 95 44.07 72.23 28.01
N PHE A 96 42.90 71.65 27.76
CA PHE A 96 41.71 72.45 27.51
C PHE A 96 40.47 71.85 28.16
N ASP A 97 39.39 72.63 28.15
CA ASP A 97 38.07 72.08 28.42
C ASP A 97 37.07 72.72 27.48
N VAL A 98 35.92 72.07 27.31
CA VAL A 98 34.82 72.66 26.56
C VAL A 98 33.59 72.67 27.42
N PRO A 99 33.15 73.86 27.85
CA PRO A 99 31.83 73.96 28.49
C PRO A 99 30.79 73.42 27.52
N GLU A 100 29.91 72.53 28.00
CA GLU A 100 28.98 71.80 27.16
C GLU A 100 29.74 70.90 26.18
N TYR A 101 30.72 70.17 26.73
CA TYR A 101 31.51 69.20 25.97
C TYR A 101 30.60 68.24 25.21
N GLN A 102 29.63 67.70 25.94
CA GLN A 102 28.70 66.71 25.38
C GLN A 102 27.95 67.27 24.18
N SER A 103 27.49 68.51 24.28
CA SER A 103 26.70 69.10 23.21
C SER A 103 27.52 69.35 21.95
N LEU A 104 28.80 69.70 22.11
CA LEU A 104 29.65 69.93 20.94
C LEU A 104 29.96 68.60 20.25
N ARG A 105 30.33 67.61 21.05
CA ARG A 105 30.60 66.27 20.55
C ARG A 105 29.40 65.69 19.79
N SER A 106 28.20 65.90 20.33
CA SER A 106 26.97 65.44 19.68
C SER A 106 26.77 66.11 18.32
N ILE A 107 26.91 67.43 18.30
CA ILE A 107 26.76 68.21 17.07
C ILE A 107 27.76 67.73 16.01
N LEU A 108 29.01 67.53 16.41
CA LEU A 108 30.06 67.09 15.50
C LEU A 108 29.79 65.69 14.95
N ALA A 109 29.39 64.79 15.84
CA ALA A 109 29.09 63.42 15.45
C ALA A 109 27.90 63.34 14.51
N ASN A 110 26.85 64.09 14.84
CA ASN A 110 25.61 64.05 14.08
C ASN A 110 25.76 64.67 12.70
N ASN A 111 26.59 65.72 12.60
CA ASN A 111 26.81 66.39 11.32
C ASN A 111 27.41 65.45 10.29
N GLY A 112 28.32 64.58 10.75
CA GLY A 112 28.78 63.47 9.95
C GLY A 112 30.00 63.68 9.06
N LYS A 113 30.61 64.86 9.13
CA LYS A 113 31.78 65.12 8.29
C LYS A 113 32.71 66.20 8.85
N PHE A 114 33.99 66.05 8.54
CA PHE A 114 34.98 67.07 8.84
C PHE A 114 35.42 67.76 7.56
N GLU A 115 34.69 68.82 7.20
CA GLU A 115 35.01 69.55 5.99
C GLU A 115 35.27 71.01 6.33
N PHE A 116 36.56 71.31 6.53
CA PHE A 116 36.99 72.64 6.94
C PHE A 116 37.29 73.50 5.72
N ILE A 117 36.89 74.76 5.78
CA ILE A 117 37.30 75.71 4.76
C ILE A 117 38.00 76.89 5.41
N ALA A 118 38.92 77.46 4.66
CA ALA A 118 39.81 78.48 5.16
C ALA A 118 39.25 79.89 4.93
N GLU A 119 39.52 80.78 5.88
CA GLU A 119 39.11 82.16 5.76
C GLU A 119 40.19 83.06 6.34
N GLU A 120 40.48 84.16 5.64
CA GLU A 120 41.57 85.00 6.07
C GLU A 120 41.07 86.03 7.07
N PHE A 121 41.60 85.95 8.29
CA PHE A 121 41.28 86.90 9.35
C PHE A 121 42.41 87.90 9.55
N GLN A 122 42.17 89.15 9.19
CA GLN A 122 43.20 90.19 9.30
C GLN A 122 43.31 90.72 10.74
N TRP A 123 44.16 90.09 11.53
CA TRP A 123 44.35 90.53 12.90
C TRP A 123 45.29 91.73 12.94
N ASN A 124 44.81 92.83 13.53
CA ASN A 124 45.54 94.08 13.57
C ASN A 124 47.06 93.97 13.63
N THR A 125 47.63 94.45 14.74
CA THR A 125 49.07 94.48 14.90
C THR A 125 49.56 93.27 15.67
N VAL A 126 48.62 92.54 16.26
CA VAL A 126 48.99 91.34 17.02
C VAL A 126 49.67 90.30 16.13
N LYS A 127 50.59 89.55 16.72
CA LYS A 127 51.24 88.43 16.03
C LYS A 127 50.34 87.20 16.10
N GLN A 128 50.51 86.28 15.15
CA GLN A 128 49.67 85.09 15.07
C GLN A 128 50.48 83.81 15.30
N ASN A 129 49.79 82.67 15.24
CA ASN A 129 50.41 81.35 15.15
C ASN A 129 51.24 80.93 16.36
N GLY A 130 50.81 81.37 17.55
CA GLY A 130 51.50 81.01 18.78
C GLY A 130 51.44 79.52 19.07
N LYS A 131 52.54 78.98 19.58
CA LYS A 131 52.67 77.53 19.78
C LYS A 131 53.10 77.17 21.20
N SER A 132 53.18 75.87 21.49
CA SER A 132 53.48 75.41 22.85
C SER A 132 54.20 74.05 22.87
N GLY A 133 54.98 73.82 23.93
CA GLY A 133 55.75 72.60 24.06
C GLY A 133 54.92 71.43 24.54
N ALA A 134 53.66 71.71 24.85
CA ALA A 134 52.69 70.68 25.18
C ALA A 134 52.15 70.05 23.90
N CYS A 135 51.97 70.88 22.88
CA CYS A 135 51.36 70.45 21.63
C CYS A 135 52.41 70.28 20.53
N LYS A 136 53.31 69.32 20.72
CA LYS A 136 54.42 69.15 19.81
C LYS A 136 54.11 68.18 18.67
N ARG A 137 54.29 68.65 17.44
CA ARG A 137 54.06 67.86 16.24
C ARG A 137 55.41 67.50 15.63
N ALA A 138 55.79 66.22 15.75
CA ALA A 138 57.15 65.76 15.46
C ALA A 138 58.14 66.51 16.35
N ASN A 139 57.84 66.50 17.65
CA ASN A 139 58.57 67.25 18.68
C ASN A 139 58.94 68.67 18.22
N VAL A 140 57.97 69.34 17.62
CA VAL A 140 58.07 70.75 17.25
C VAL A 140 56.90 71.46 17.89
N ASN A 141 57.19 72.46 18.72
CA ASN A 141 56.11 73.18 19.38
C ASN A 141 55.10 73.67 18.36
N ASP A 142 53.85 73.27 18.54
CA ASP A 142 52.83 73.52 17.53
C ASP A 142 51.53 73.85 18.24
N PHE A 143 50.40 73.66 17.57
CA PHE A 143 49.11 74.07 18.09
C PHE A 143 48.00 73.36 17.33
N PHE A 144 46.77 73.52 17.80
CA PHE A 144 45.60 73.03 17.08
C PHE A 144 45.56 73.69 15.71
N ASN A 145 45.70 72.90 14.64
CA ASN A 145 45.84 73.47 13.31
C ASN A 145 44.58 74.16 12.78
N ARG A 146 43.50 74.13 13.55
CA ARG A 146 42.28 74.84 13.19
C ARG A 146 42.19 76.16 13.96
N LEU A 147 43.12 76.36 14.89
CA LEU A 147 43.07 77.52 15.77
C LEU A 147 44.31 78.41 15.64
N ASN A 148 44.09 79.71 15.79
CA ASN A 148 45.13 80.72 15.68
C ASN A 148 45.41 81.36 17.04
N TRP A 149 46.63 81.19 17.55
CA TRP A 149 46.98 81.80 18.82
C TRP A 149 47.50 83.21 18.60
N LEU A 150 46.76 84.19 19.12
CA LEU A 150 47.08 85.60 18.92
C LEU A 150 47.82 86.16 20.14
N VAL A 151 48.99 86.75 19.88
CA VAL A 151 49.87 87.25 20.92
C VAL A 151 50.10 88.75 20.71
N LYS A 152 50.74 89.42 21.64
CA LYS A 152 51.07 90.81 21.41
C LYS A 152 51.89 91.07 20.21
N SER A 153 51.92 92.35 19.91
CA SER A 153 52.92 92.87 19.02
C SER A 153 54.28 92.82 19.71
N ASP A 154 55.33 92.95 18.91
CA ASP A 154 56.69 93.06 19.42
C ASP A 154 56.80 94.34 20.20
N GLY A 155 56.13 95.36 19.69
CA GLY A 155 56.15 96.64 20.35
C GLY A 155 55.04 96.79 21.37
N ASN A 156 54.67 95.72 22.07
CA ASN A 156 53.84 95.89 23.25
C ASN A 156 52.52 96.47 22.73
N ALA A 157 51.78 95.73 21.90
CA ALA A 157 50.56 96.32 21.32
C ALA A 157 49.42 95.34 21.08
N TYR A 158 48.43 95.45 21.97
CA TYR A 158 47.27 94.56 22.09
C TYR A 158 46.01 95.22 21.52
N PRO A 159 45.96 95.52 20.22
CA PRO A 159 44.81 96.39 20.01
C PRO A 159 43.47 95.68 19.90
N LEU A 160 42.42 96.50 19.90
CA LEU A 160 41.04 96.06 19.74
C LEU A 160 40.84 95.42 18.37
N GLN A 161 40.39 94.17 18.37
CA GLN A 161 40.05 93.43 17.16
C GLN A 161 38.56 93.43 16.94
N ASN A 162 38.12 93.84 15.76
CA ASN A 162 36.72 93.83 15.41
C ASN A 162 36.66 93.49 13.92
N LEU A 163 36.68 92.20 13.61
CA LEU A 163 36.43 91.79 12.24
C LEU A 163 35.28 90.81 12.16
N THR A 164 34.58 90.88 11.03
CA THR A 164 33.28 90.29 10.88
C THR A 164 33.25 89.43 9.63
N LYS A 165 32.86 88.16 9.80
CA LYS A 165 32.73 87.28 8.65
C LYS A 165 31.25 87.07 8.34
N ILE A 166 30.88 87.31 7.09
CA ILE A 166 29.49 87.29 6.69
C ILE A 166 29.17 86.03 5.88
N ASN A 167 28.11 85.34 6.28
CA ASN A 167 27.70 84.13 5.59
C ASN A 167 26.69 84.42 4.50
N ASN A 168 27.18 84.57 3.27
CA ASN A 168 26.33 84.66 2.10
C ASN A 168 26.35 83.35 1.33
N GLY A 169 26.61 82.26 2.04
CA GLY A 169 26.69 80.94 1.44
C GLY A 169 25.38 80.17 1.43
N ASP A 170 25.45 78.90 1.05
CA ASP A 170 24.29 78.03 0.89
C ASP A 170 24.12 77.12 2.11
N TYR A 171 24.98 77.29 3.11
CA TYR A 171 24.97 76.38 4.25
C TYR A 171 25.21 77.11 5.56
N ALA A 172 24.89 76.42 6.66
CA ALA A 172 25.18 76.92 7.98
C ALA A 172 26.64 76.61 8.31
N ARG A 173 27.29 77.57 8.95
CA ARG A 173 28.72 77.45 9.25
C ARG A 173 28.98 77.23 10.73
N LEU A 174 29.95 76.37 11.03
CA LEU A 174 30.35 76.13 12.41
C LEU A 174 31.74 76.68 12.68
N TYR A 175 31.81 77.72 13.52
CA TYR A 175 33.09 78.29 13.95
C TYR A 175 33.45 77.80 15.35
N ILE A 176 34.67 77.30 15.52
CA ILE A 176 35.15 76.93 16.85
C ILE A 176 36.24 77.91 17.29
N TRP A 177 35.98 78.63 18.39
CA TRP A 177 36.96 79.57 18.91
C TRP A 177 37.26 79.28 20.38
N GLY A 178 38.35 79.85 20.88
CA GLY A 178 38.78 79.57 22.23
C GLY A 178 39.13 80.80 23.04
N VAL A 179 39.32 80.58 24.33
CA VAL A 179 39.74 81.62 25.23
C VAL A 179 40.85 81.05 26.13
N HIS A 180 42.05 81.56 25.94
CA HIS A 180 43.20 81.23 26.77
C HIS A 180 43.02 81.79 28.19
N HIS A 181 43.33 81.07 29.26
CA HIS A 181 43.59 81.88 30.47
C HIS A 181 44.72 81.33 31.35
N PRO A 182 45.62 82.22 31.78
CA PRO A 182 46.93 82.06 32.45
C PRO A 182 46.98 81.55 33.93
N SER A 183 48.06 81.88 34.66
CA SER A 183 48.25 81.38 36.04
C SER A 183 48.39 82.47 37.17
N THR A 184 48.99 83.62 36.87
CA THR A 184 49.15 84.78 37.78
C THR A 184 48.72 86.10 37.11
N ASP A 185 49.34 87.22 37.43
CA ASP A 185 48.97 88.43 36.68
C ASP A 185 50.04 88.88 35.70
N THR A 186 51.26 88.42 35.92
CA THR A 186 52.32 88.73 34.98
C THR A 186 52.05 87.95 33.64
N GLU A 187 51.84 86.62 33.71
CA GLU A 187 51.14 85.85 32.65
C GLU A 187 50.64 86.58 31.42
N GLN A 188 49.69 87.42 31.81
CA GLN A 188 48.55 87.84 31.09
C GLN A 188 49.09 89.06 30.42
N THR A 189 50.01 89.68 31.15
CA THR A 189 50.70 90.86 30.67
C THR A 189 52.05 90.53 30.04
N ASN A 190 52.49 89.28 30.04
CA ASN A 190 53.57 89.09 29.07
C ASN A 190 53.11 88.30 27.87
N LEU A 191 51.79 88.16 27.78
CA LEU A 191 51.18 87.49 26.64
C LEU A 191 50.05 88.27 25.91
N TYR A 192 49.41 89.23 26.57
CA TYR A 192 48.38 90.11 25.92
C TYR A 192 48.28 91.51 26.52
N LYS A 193 49.28 91.85 27.33
CA LYS A 193 49.23 92.76 28.52
C LYS A 193 48.07 93.40 29.18
N ASN A 194 47.09 93.81 28.42
CA ASN A 194 45.84 94.13 28.98
C ASN A 194 45.36 93.06 29.96
N ASN A 195 44.90 93.58 31.08
CA ASN A 195 44.61 92.77 32.26
C ASN A 195 43.50 93.41 33.09
N PRO A 196 42.34 92.71 33.20
CA PRO A 196 41.98 91.49 32.48
C PRO A 196 41.79 91.59 30.97
N GLY A 197 41.74 90.42 30.34
CA GLY A 197 41.39 90.29 28.92
C GLY A 197 39.88 90.22 28.72
N GLY A 198 39.45 89.42 27.75
CA GLY A 198 38.04 89.34 27.39
C GLY A 198 37.79 89.23 25.90
N VAL A 199 36.76 88.47 25.54
CA VAL A 199 36.38 88.21 24.16
C VAL A 199 34.87 88.32 24.00
N THR A 200 34.39 88.87 22.88
CA THR A 200 32.96 88.91 22.61
C THR A 200 32.62 88.48 21.18
N VAL A 201 32.21 87.22 21.04
CA VAL A 201 31.77 86.70 19.75
C VAL A 201 30.24 86.78 19.68
N SER A 202 29.73 87.35 18.60
CA SER A 202 28.31 87.61 18.50
C SER A 202 27.78 87.49 17.08
N THR A 203 26.50 87.12 16.98
CA THR A 203 25.80 87.13 15.70
C THR A 203 24.77 88.26 15.73
N LYS A 204 23.92 88.33 14.71
CA LYS A 204 22.87 89.34 14.67
C LYS A 204 21.90 89.19 15.84
N THR A 205 21.62 87.95 16.21
CA THR A 205 20.58 87.67 17.19
C THR A 205 21.10 87.06 18.49
N SER A 206 22.43 86.98 18.62
CA SER A 206 23.02 86.30 19.78
C SER A 206 24.39 86.82 20.18
N GLN A 207 24.65 86.86 21.48
CA GLN A 207 25.90 87.34 22.04
C GLN A 207 26.61 86.19 22.79
N THR A 208 27.91 86.33 23.02
CA THR A 208 28.68 85.46 23.93
C THR A 208 29.97 86.15 24.37
N SER A 209 30.09 86.46 25.65
CA SER A 209 31.30 87.13 26.14
C SER A 209 31.98 86.34 27.25
N VAL A 210 33.31 86.27 27.18
CA VAL A 210 34.07 85.46 28.12
C VAL A 210 35.09 86.30 28.91
N VAL A 211 35.06 86.13 30.23
CA VAL A 211 36.03 86.75 31.12
C VAL A 211 37.10 85.72 31.47
N PRO A 212 38.34 85.94 30.99
CA PRO A 212 39.43 84.99 31.28
C PRO A 212 39.65 84.82 32.77
N ASN A 213 40.07 83.63 33.17
CA ASN A 213 40.33 83.36 34.57
C ASN A 213 41.76 82.93 34.85
N ILE A 214 42.34 83.50 35.89
CA ILE A 214 43.74 83.30 36.14
C ILE A 214 44.08 82.80 37.54
N GLY A 215 44.74 81.64 37.60
CA GLY A 215 45.13 81.06 38.87
C GLY A 215 45.97 79.81 38.70
N SER A 216 46.28 79.15 39.81
CA SER A 216 47.05 77.91 39.76
C SER A 216 46.13 76.72 39.49
N ARG A 217 46.58 75.82 38.61
CA ARG A 217 45.96 74.52 38.39
C ARG A 217 47.06 73.52 38.05
N PRO A 218 46.78 72.20 38.17
CA PRO A 218 47.80 71.17 37.95
C PRO A 218 48.62 71.30 36.67
N LEU A 219 49.82 70.74 36.75
CA LEU A 219 50.70 70.63 35.60
C LEU A 219 50.24 69.47 34.74
N VAL A 220 49.40 69.78 33.76
CA VAL A 220 49.06 68.84 32.73
C VAL A 220 49.86 69.29 31.49
N ARG A 221 50.64 68.37 30.93
CA ARG A 221 51.47 68.63 29.74
C ARG A 221 52.57 69.64 30.10
N GLY A 222 52.82 69.76 31.40
CA GLY A 222 53.78 70.71 31.91
C GLY A 222 53.30 72.15 32.01
N GLN A 223 52.00 72.40 31.79
CA GLN A 223 51.46 73.76 31.88
C GLN A 223 50.45 73.91 33.02
N SER A 224 50.46 75.06 33.66
CA SER A 224 49.45 75.41 34.67
C SER A 224 48.35 76.26 34.04
N SER A 225 48.39 76.38 32.73
CA SER A 225 47.45 77.23 31.99
C SER A 225 46.44 76.37 31.22
N ARG A 226 45.34 76.99 30.79
CA ARG A 226 44.29 76.29 30.06
C ARG A 226 43.73 77.10 28.90
N VAL A 227 42.99 76.40 28.03
CA VAL A 227 42.21 77.04 26.98
C VAL A 227 40.76 76.55 27.07
N SER A 228 39.80 77.46 26.95
CA SER A 228 38.39 77.09 26.96
C SER A 228 37.78 77.28 25.57
N PHE A 229 37.26 76.20 25.00
CA PHE A 229 36.72 76.27 23.64
C PHE A 229 35.21 76.43 23.60
N TYR A 230 34.77 77.27 22.67
CA TYR A 230 33.36 77.52 22.45
C TYR A 230 33.06 77.29 20.98
N TRP A 231 31.79 77.41 20.61
CA TRP A 231 31.44 77.36 19.19
C TRP A 231 30.29 78.30 18.90
N THR A 232 30.17 78.69 17.65
CA THR A 232 29.09 79.56 17.20
C THR A 232 28.65 79.10 15.82
N ILE A 233 27.34 79.02 15.61
CA ILE A 233 26.80 78.56 14.34
C ILE A 233 26.22 79.73 13.56
N VAL A 234 26.62 79.84 12.30
CA VAL A 234 26.19 80.95 11.45
C VAL A 234 25.39 80.45 10.26
N GLU A 235 24.08 80.70 10.27
CA GLU A 235 23.23 80.34 9.15
C GLU A 235 23.20 81.43 8.08
N PRO A 236 22.95 81.04 6.82
CA PRO A 236 22.84 81.97 5.69
C PRO A 236 21.98 83.19 6.01
N GLY A 237 22.60 84.37 5.98
CA GLY A 237 21.91 85.60 6.29
C GLY A 237 22.48 86.27 7.53
N ASP A 238 23.02 85.46 8.45
CA ASP A 238 23.61 85.98 9.67
C ASP A 238 25.12 86.11 9.52
N LEU A 239 25.79 86.59 10.57
CA LEU A 239 27.24 86.73 10.55
C LEU A 239 27.83 86.62 11.94
N ILE A 240 29.12 86.92 12.06
CA ILE A 240 29.83 86.67 13.31
C ILE A 240 30.94 87.70 13.56
N VAL A 241 30.86 88.36 14.71
CA VAL A 241 31.78 89.44 15.05
C VAL A 241 32.75 89.04 16.16
N PHE A 242 34.04 89.10 15.85
CA PHE A 242 35.07 88.75 16.83
C PHE A 242 35.65 89.98 17.52
N ASN A 243 35.27 90.16 18.78
CA ASN A 243 35.84 91.21 19.62
C ASN A 243 36.74 90.63 20.70
N THR A 244 37.95 91.16 20.79
CA THR A 244 38.85 90.81 21.87
C THR A 244 39.82 91.94 22.17
N ILE A 245 40.00 92.19 23.46
CA ILE A 245 41.04 93.07 23.93
C ILE A 245 42.14 92.18 24.53
N GLY A 246 42.08 90.89 24.17
CA GLY A 246 43.05 89.90 24.60
C GLY A 246 42.49 88.50 24.79
N ASN A 247 43.39 87.51 24.80
CA ASN A 247 43.11 86.11 25.18
C ASN A 247 42.34 85.25 24.17
N LEU A 248 41.97 85.82 23.03
CA LEU A 248 41.22 85.07 22.02
C LEU A 248 42.08 84.08 21.26
N ILE A 249 41.71 82.80 21.33
CA ILE A 249 42.31 81.79 20.47
C ILE A 249 41.48 81.69 19.20
N ALA A 250 41.85 82.52 18.22
CA ALA A 250 41.06 82.72 17.00
C ALA A 250 40.87 81.47 16.16
N PRO A 251 39.78 81.43 15.37
CA PRO A 251 39.56 80.39 14.37
C PRO A 251 40.28 80.68 13.05
N ARG A 252 40.57 79.65 12.28
CA ARG A 252 41.22 79.83 10.99
C ARG A 252 40.23 79.66 9.84
N GLY A 253 38.96 79.49 10.18
CA GLY A 253 37.90 79.29 9.20
C GLY A 253 36.67 78.66 9.84
N HIS A 254 35.87 77.96 9.05
CA HIS A 254 34.69 77.31 9.60
C HIS A 254 34.43 75.94 8.98
N TYR A 255 33.77 75.07 9.75
CA TYR A 255 33.37 73.75 9.30
C TYR A 255 32.03 73.83 8.57
N LYS A 256 31.90 73.11 7.47
CA LYS A 256 30.62 73.13 6.76
C LYS A 256 29.65 72.14 7.39
N LEU A 257 28.42 72.61 7.63
CA LEU A 257 27.37 71.79 8.22
C LEU A 257 26.39 71.30 7.16
N ASN A 258 26.02 70.02 7.25
CA ASN A 258 24.96 69.47 6.41
C ASN A 258 23.60 69.98 6.87
N ASN A 259 22.70 70.24 5.92
CA ASN A 259 21.35 70.67 6.26
C ASN A 259 20.63 69.59 7.05
N GLN A 260 20.72 68.34 6.58
CA GLN A 260 20.21 67.20 7.33
C GLN A 260 21.37 66.39 7.90
N LYS A 261 21.39 66.27 9.21
CA LYS A 261 22.44 65.56 9.92
C LYS A 261 21.95 64.17 10.33
N LYS A 262 22.51 63.13 9.71
CA LYS A 262 22.01 61.78 9.88
C LYS A 262 23.04 60.83 10.49
N SER A 263 24.16 61.36 10.96
CA SER A 263 25.22 60.49 11.44
C SER A 263 25.28 60.43 12.95
N THR A 264 26.18 59.61 13.47
CA THR A 264 26.34 59.48 14.91
C THR A 264 27.73 58.95 15.26
N ILE A 265 27.97 58.75 16.55
CA ILE A 265 29.27 58.31 17.03
C ILE A 265 29.13 57.08 17.91
N LEU A 266 30.02 56.12 17.72
CA LEU A 266 30.04 54.92 18.55
C LEU A 266 31.40 54.82 19.23
N ASN A 267 31.40 54.76 20.56
CA ASN A 267 32.63 54.65 21.32
C ASN A 267 32.90 53.21 21.70
N THR A 268 33.95 52.62 21.12
CA THR A 268 34.29 51.22 21.36
C THR A 268 35.73 50.90 20.98
N ALA A 269 36.25 49.81 21.54
CA ALA A 269 37.62 49.38 21.26
C ALA A 269 37.66 48.29 20.18
N ILE A 270 36.49 47.79 19.80
CA ILE A 270 36.37 46.71 18.82
C ILE A 270 37.01 47.09 17.48
N PRO A 271 37.86 46.20 16.93
CA PRO A 271 38.52 46.46 15.65
C PRO A 271 37.57 46.44 14.46
N ILE A 272 37.95 47.14 13.40
CA ILE A 272 37.17 47.14 12.17
C ILE A 272 37.64 46.02 11.25
N GLY A 273 36.69 45.18 10.81
CA GLY A 273 37.01 44.04 9.97
C GLY A 273 36.54 44.20 8.53
N SER A 274 36.12 43.09 7.93
CA SER A 274 35.70 43.09 6.52
C SER A 274 34.34 42.43 6.29
N CYS A 275 33.61 42.17 7.38
CA CYS A 275 32.28 41.60 7.30
C CYS A 275 31.28 42.60 6.73
N VAL A 276 30.04 42.15 6.52
CA VAL A 276 28.98 43.02 6.04
C VAL A 276 27.79 43.00 6.99
N SER A 277 27.44 44.16 7.52
CA SER A 277 26.31 44.30 8.43
C SER A 277 25.92 45.76 8.58
N LYS A 278 24.64 46.00 8.82
CA LYS A 278 24.13 47.37 8.94
C LYS A 278 23.83 47.71 10.40
N CYS A 279 24.23 46.83 11.31
CA CYS A 279 23.98 47.01 12.74
C CYS A 279 25.25 46.93 13.57
N HIS A 280 25.50 47.96 14.37
CA HIS A 280 26.74 48.03 15.16
C HIS A 280 26.50 48.31 16.64
N THR A 281 27.03 47.44 17.50
CA THR A 281 27.02 47.67 18.94
C THR A 281 28.44 47.93 19.41
N ASP A 282 28.58 48.36 20.66
CA ASP A 282 29.90 48.61 21.23
C ASP A 282 30.61 47.30 21.60
N LYS A 283 29.96 46.18 21.32
CA LYS A 283 30.58 44.88 21.53
C LYS A 283 30.99 44.29 20.18
N GLY A 284 30.61 44.98 19.12
CA GLY A 284 30.85 44.49 17.77
C GLY A 284 29.60 44.60 16.90
N SER A 285 29.76 44.28 15.63
CA SER A 285 28.63 44.29 14.70
C SER A 285 27.72 43.08 14.91
N LEU A 286 26.44 43.24 14.57
CA LEU A 286 25.47 42.16 14.62
C LEU A 286 25.12 41.70 13.21
N SER A 287 25.12 40.39 13.00
CA SER A 287 24.75 39.83 11.71
C SER A 287 23.57 38.86 11.90
N THR A 288 22.36 39.38 11.74
CA THR A 288 21.17 38.62 12.12
C THR A 288 19.88 39.11 11.46
N THR A 289 18.86 38.25 11.45
CA THR A 289 17.54 38.64 10.99
C THR A 289 16.54 38.63 12.13
N LYS A 290 17.03 38.30 13.33
CA LYS A 290 16.17 38.24 14.52
C LYS A 290 15.68 39.64 14.86
N PRO A 291 14.45 39.73 15.41
CA PRO A 291 13.86 41.03 15.75
C PRO A 291 14.38 41.64 17.05
N PHE A 292 14.96 40.83 17.93
CA PHE A 292 15.44 41.32 19.22
C PHE A 292 16.88 40.92 19.49
N GLN A 293 17.52 41.60 20.45
CA GLN A 293 18.90 41.30 20.84
C GLN A 293 19.14 41.66 22.31
N ASN A 294 19.98 40.89 23.00
CA ASN A 294 20.28 41.18 24.41
C ASN A 294 21.74 41.56 24.63
N ILE A 295 22.41 41.93 23.53
CA ILE A 295 23.85 42.16 23.56
C ILE A 295 24.22 43.53 24.15
N SER A 296 23.59 44.60 23.66
CA SER A 296 23.84 45.92 24.21
C SER A 296 22.78 46.95 23.87
N ARG A 297 22.37 47.73 24.87
CA ARG A 297 21.51 48.89 24.65
C ARG A 297 22.17 49.91 23.72
N ILE A 298 23.50 49.91 23.67
CA ILE A 298 24.21 50.81 22.78
C ILE A 298 24.31 50.15 21.41
N ALA A 299 23.46 50.59 20.49
CA ALA A 299 23.36 49.97 19.17
C ALA A 299 22.94 51.00 18.12
N VAL A 300 23.62 50.96 16.98
CA VAL A 300 23.43 51.97 15.94
C VAL A 300 23.22 51.33 14.58
N GLY A 301 22.31 51.90 13.79
CA GLY A 301 22.09 51.45 12.43
C GLY A 301 20.80 50.69 12.30
N ASP A 302 20.85 49.61 11.52
CA ASP A 302 19.69 48.74 11.27
C ASP A 302 19.73 47.54 12.22
N CYS A 303 19.27 47.74 13.44
CA CYS A 303 19.49 46.77 14.51
C CYS A 303 18.21 46.13 15.04
N PRO A 304 18.32 44.90 15.57
CA PRO A 304 17.23 44.34 16.36
C PRO A 304 16.98 45.21 17.58
N ARG A 305 15.80 45.15 18.18
CA ARG A 305 15.53 45.96 19.36
C ARG A 305 16.10 45.29 20.61
N TYR A 306 16.69 46.11 21.50
CA TYR A 306 17.32 45.59 22.70
C TYR A 306 16.31 45.21 23.77
N VAL A 307 16.47 44.02 24.35
CA VAL A 307 15.56 43.53 25.38
C VAL A 307 16.33 42.89 26.52
N LYS A 308 15.64 42.66 27.64
CA LYS A 308 16.26 42.05 28.81
C LYS A 308 16.40 40.54 28.71
N GLN A 309 15.46 39.88 28.04
CA GLN A 309 15.48 38.42 27.97
C GLN A 309 16.64 37.89 27.13
N GLY A 310 17.19 36.76 27.53
CA GLY A 310 18.28 36.13 26.82
C GLY A 310 17.79 35.12 25.79
N SER A 311 16.50 34.78 25.85
CA SER A 311 15.92 33.84 24.91
C SER A 311 14.41 33.97 24.84
N LEU A 312 13.88 34.00 23.61
CA LEU A 312 12.45 34.00 23.36
C LEU A 312 12.19 33.13 22.14
N LYS A 313 11.59 31.97 22.35
CA LYS A 313 11.41 31.02 21.27
C LYS A 313 10.02 31.11 20.68
N LEU A 314 9.96 31.38 19.39
CA LEU A 314 8.71 31.43 18.65
C LEU A 314 8.38 30.07 18.06
N ALA A 315 7.22 29.51 18.39
CA ALA A 315 6.81 28.23 17.82
C ALA A 315 6.60 28.34 16.31
N THR A 316 7.12 27.38 15.55
CA THR A 316 6.91 27.34 14.11
C THR A 316 6.32 26.00 13.69
N GLY A 317 5.73 25.31 14.66
CA GLY A 317 5.15 24.01 14.42
C GLY A 317 4.20 23.62 15.53
N MET A 318 3.52 22.50 15.35
CA MET A 318 2.53 22.02 16.30
C MET A 318 3.18 21.43 17.54
N ARG A 319 2.35 21.12 18.54
CA ARG A 319 2.79 20.36 19.71
C ARG A 319 3.45 19.06 19.29
N ASN A 320 4.55 18.75 19.95
CA ASN A 320 5.25 17.50 19.70
C ASN A 320 4.87 16.42 20.69
N ILE A 321 4.22 15.36 20.22
CA ILE A 321 3.85 14.24 21.07
C ILE A 321 4.32 12.95 20.42
N PRO A 322 5.58 12.56 20.68
CA PRO A 322 6.19 11.41 20.01
C PRO A 322 5.55 10.07 20.35
N GLU A 323 5.66 9.15 19.39
CA GLU A 323 5.48 7.70 19.48
C GLU A 323 4.83 7.16 18.20
N LEU A 329 -9.37 25.95 21.42
CA LEU A 329 -8.70 24.68 21.16
C LEU A 329 -9.67 23.50 20.95
N PHE A 330 -9.27 22.58 20.08
CA PHE A 330 -10.21 21.62 19.53
C PHE A 330 -10.06 20.24 20.13
N GLY A 331 -9.00 20.04 20.92
CA GLY A 331 -8.84 18.78 21.63
C GLY A 331 -8.52 17.61 20.72
N ALA A 332 -7.90 17.90 19.57
CA ALA A 332 -7.46 16.86 18.66
C ALA A 332 -6.01 16.47 18.97
N ILE A 333 -5.07 17.35 18.61
CA ILE A 333 -3.66 17.16 18.95
C ILE A 333 -3.46 17.16 20.46
N ALA A 334 -2.80 16.12 20.96
CA ALA A 334 -2.69 15.85 22.39
C ALA A 334 -4.08 15.80 23.02
N GLY A 335 -5.04 15.26 22.28
CA GLY A 335 -6.42 15.17 22.71
C GLY A 335 -6.98 13.81 22.35
N PHE A 336 -8.05 13.77 21.57
CA PHE A 336 -8.60 12.47 21.18
C PHE A 336 -7.63 11.76 20.23
N ILE A 337 -6.70 12.50 19.65
CA ILE A 337 -5.57 11.87 18.97
C ILE A 337 -4.45 11.72 19.99
N GLU A 338 -4.13 10.47 20.31
CA GLU A 338 -3.20 10.14 21.39
C GLU A 338 -1.80 10.71 21.20
N ASN A 339 -1.25 10.52 20.01
CA ASN A 339 0.10 10.98 19.73
C ASN A 339 0.34 11.21 18.25
N GLY A 340 1.47 11.83 17.94
CA GLY A 340 1.88 12.06 16.57
C GLY A 340 2.67 10.87 16.02
N TRP A 341 2.95 10.93 14.73
CA TRP A 341 3.63 9.85 14.03
C TRP A 341 5.03 10.29 13.62
N GLN A 342 6.05 9.68 14.20
CA GLN A 342 7.41 10.03 13.81
C GLN A 342 7.70 9.57 12.39
N GLY A 343 6.95 8.58 11.92
CA GLY A 343 7.13 8.05 10.58
C GLY A 343 6.58 8.93 9.46
N LEU A 344 5.75 9.91 9.82
CA LEU A 344 5.20 10.81 8.81
C LEU A 344 6.18 11.94 8.53
N ILE A 345 7.02 11.77 7.51
CA ILE A 345 8.14 12.68 7.31
C ILE A 345 7.95 13.64 6.15
N ASP A 346 6.90 13.44 5.36
CA ASP A 346 6.69 14.30 4.21
C ASP A 346 5.42 15.14 4.33
N GLY A 347 4.96 15.37 5.55
CA GLY A 347 3.81 16.22 5.79
C GLY A 347 3.57 16.47 7.27
N TRP A 348 2.71 17.44 7.58
CA TRP A 348 2.36 17.72 8.98
C TRP A 348 1.18 16.88 9.42
N TYR A 349 0.29 16.59 8.48
CA TYR A 349 -0.89 15.78 8.77
C TYR A 349 -1.01 14.67 7.74
N GLY A 350 -1.74 13.61 8.07
CA GLY A 350 -1.92 12.55 7.11
C GLY A 350 -2.90 11.45 7.51
N PHE A 351 -2.89 10.40 6.70
CA PHE A 351 -3.77 9.25 6.85
C PHE A 351 -2.95 7.99 7.14
N ARG A 352 -3.43 7.18 8.07
CA ARG A 352 -2.89 5.85 8.29
C ARG A 352 -4.05 4.86 8.27
N HIS A 353 -3.94 3.82 7.44
CA HIS A 353 -5.05 2.92 7.23
C HIS A 353 -4.66 1.47 7.38
N GLN A 354 -5.68 0.63 7.49
CA GLN A 354 -5.51 -0.80 7.39
C GLN A 354 -6.72 -1.38 6.67
N ASN A 355 -6.46 -2.27 5.72
CA ASN A 355 -7.53 -2.97 5.03
C ASN A 355 -7.07 -4.40 4.80
N ALA A 356 -7.80 -5.15 3.96
CA ALA A 356 -7.47 -6.55 3.73
C ALA A 356 -6.10 -6.72 3.07
N GLU A 357 -5.66 -5.75 2.28
CA GLU A 357 -4.39 -5.84 1.55
C GLU A 357 -3.16 -5.44 2.35
N GLY A 358 -3.35 -4.71 3.44
CA GLY A 358 -2.23 -4.26 4.24
C GLY A 358 -2.47 -2.92 4.92
N THR A 359 -1.39 -2.15 5.06
CA THR A 359 -1.40 -0.88 5.78
C THR A 359 -0.58 0.19 5.05
N GLY A 360 -0.84 1.45 5.38
CA GLY A 360 -0.13 2.55 4.76
C GLY A 360 -0.26 3.86 5.49
N THR A 361 0.73 4.73 5.28
CA THR A 361 0.72 6.08 5.81
C THR A 361 0.99 7.03 4.66
N ALA A 362 0.15 8.05 4.50
CA ALA A 362 0.35 9.06 3.46
C ALA A 362 0.06 10.47 4.00
N ALA A 363 0.82 11.45 3.52
CA ALA A 363 0.64 12.83 3.96
C ALA A 363 -0.58 13.47 3.28
N ASP A 364 -1.27 14.35 4.01
CA ASP A 364 -2.30 15.18 3.39
C ASP A 364 -1.73 16.57 3.13
N LEU A 365 -1.69 16.95 1.85
CA LEU A 365 -1.05 18.18 1.39
C LEU A 365 -1.84 19.43 1.79
N LYS A 366 -3.13 19.41 1.54
CA LYS A 366 -4.00 20.57 1.79
C LYS A 366 -3.90 21.07 3.23
N SER A 367 -4.13 20.17 4.20
CA SER A 367 -4.06 20.52 5.61
C SER A 367 -2.65 20.98 6.00
N THR A 368 -1.65 20.25 5.54
CA THR A 368 -0.26 20.61 5.79
C THR A 368 0.04 22.02 5.30
N GLN A 369 -0.33 22.30 4.05
CA GLN A 369 -0.06 23.61 3.47
C GLN A 369 -0.83 24.73 4.17
N ALA A 370 -2.05 24.45 4.58
CA ALA A 370 -2.87 25.45 5.27
C ALA A 370 -2.22 25.88 6.58
N ALA A 371 -1.67 24.91 7.30
CA ALA A 371 -1.01 25.22 8.57
C ALA A 371 0.27 26.02 8.34
N ILE A 372 1.07 25.57 7.39
CA ILE A 372 2.34 26.23 7.09
C ILE A 372 2.11 27.69 6.67
N ASP A 373 1.11 27.91 5.82
CA ASP A 373 0.81 29.25 5.35
C ASP A 373 0.46 30.21 6.48
N GLN A 374 -0.25 29.71 7.48
CA GLN A 374 -0.68 30.55 8.60
C GLN A 374 0.40 30.72 9.66
N ILE A 375 1.48 29.95 9.58
CA ILE A 375 2.48 29.95 10.62
C ILE A 375 3.84 30.44 10.14
N ASN A 376 4.26 29.98 8.97
CA ASN A 376 5.55 30.40 8.38
C ASN A 376 5.72 31.92 8.35
N GLY A 377 6.78 32.38 9.01
CA GLY A 377 7.13 33.79 9.03
C GLY A 377 6.00 34.71 9.41
N LYS A 378 5.27 34.37 10.48
CA LYS A 378 4.11 35.18 10.85
C LYS A 378 4.55 36.48 11.50
N LEU A 379 5.85 36.61 11.73
CA LEU A 379 6.37 37.79 12.41
C LEU A 379 6.72 38.93 11.46
N ASN A 380 7.18 38.60 10.25
CA ASN A 380 7.60 39.61 9.30
C ASN A 380 6.49 40.62 8.98
N ARG A 381 5.24 40.15 9.07
CA ARG A 381 4.09 41.01 8.78
C ARG A 381 3.76 41.91 9.97
N LEU A 382 4.44 41.69 11.09
CA LEU A 382 4.12 42.39 12.32
C LEU A 382 5.24 43.31 12.81
N ILE A 383 6.35 42.74 13.30
CA ILE A 383 7.44 43.55 13.90
C ILE A 383 8.21 44.29 12.77
N GLU A 384 7.45 44.79 11.80
CA GLU A 384 7.98 45.65 10.74
C GLU A 384 9.12 44.91 10.05
N LYS A 385 10.19 45.61 9.72
CA LYS A 385 11.39 44.99 9.18
C LYS A 385 12.63 45.57 9.84
N THR A 386 12.83 46.86 9.65
CA THR A 386 14.13 47.48 9.92
C THR A 386 14.36 48.02 11.34
N ASN A 387 13.74 49.17 11.67
CA ASN A 387 14.08 49.96 12.86
C ASN A 387 15.48 50.59 12.68
N ASP A 388 15.53 51.63 11.83
CA ASP A 388 16.78 52.30 11.47
C ASP A 388 17.09 53.49 12.36
N LYS A 389 17.83 53.27 13.43
CA LYS A 389 18.16 54.34 14.37
C LYS A 389 19.63 54.73 14.29
N TYR A 390 19.91 56.02 14.18
CA TYR A 390 21.29 56.46 14.12
C TYR A 390 21.67 57.31 15.33
N HIS A 391 21.49 58.62 15.26
CA HIS A 391 21.86 59.44 16.40
C HIS A 391 20.77 59.38 17.47
N GLN A 392 21.15 58.93 18.65
CA GLN A 392 20.19 58.71 19.73
C GLN A 392 20.55 59.56 20.96
N ILE A 393 20.95 58.90 22.05
CA ILE A 393 21.45 59.58 23.24
C ILE A 393 22.58 58.75 23.82
N GLU A 394 23.38 59.36 24.70
CA GLU A 394 24.38 58.62 25.45
C GLU A 394 23.69 57.65 26.41
N LYS A 395 24.27 56.48 26.61
CA LYS A 395 23.59 55.46 27.40
C LYS A 395 24.44 54.84 28.52
N GLU A 396 25.73 55.19 28.59
CA GLU A 396 26.52 54.83 29.75
C GLU A 396 27.48 55.96 30.12
N PHE A 397 27.79 56.07 31.41
CA PHE A 397 28.43 57.28 31.92
C PHE A 397 29.58 57.00 32.90
N GLU A 398 30.66 57.79 32.75
CA GLU A 398 31.83 57.71 33.61
C GLU A 398 31.48 57.94 35.07
N GLN A 399 30.95 59.12 35.35
CA GLN A 399 30.60 59.52 36.69
C GLN A 399 29.23 60.20 36.69
N VAL A 400 28.52 60.09 37.80
CA VAL A 400 27.23 60.77 37.96
C VAL A 400 27.33 62.27 37.70
N GLU A 401 26.25 62.86 37.21
CA GLU A 401 26.20 64.29 36.91
C GLU A 401 24.97 64.93 37.54
N GLY A 402 23.99 64.11 37.89
CA GLY A 402 22.78 64.61 38.49
C GLY A 402 21.56 64.61 37.57
N ARG A 403 20.83 65.72 37.58
CA ARG A 403 19.51 65.82 36.97
C ARG A 403 19.38 65.33 35.52
N ILE A 404 20.22 65.87 34.64
CA ILE A 404 20.15 65.53 33.22
C ILE A 404 20.47 64.05 33.00
N GLN A 405 21.48 63.55 33.70
CA GLN A 405 21.91 62.17 33.52
C GLN A 405 20.86 61.18 34.01
N ASP A 406 20.19 61.52 35.10
CA ASP A 406 19.12 60.69 35.65
C ASP A 406 18.02 60.49 34.62
N LEU A 407 17.65 61.60 33.97
CA LEU A 407 16.60 61.59 32.97
C LEU A 407 17.00 60.76 31.75
N GLU A 408 18.24 60.95 31.29
CA GLU A 408 18.75 60.19 30.15
C GLU A 408 18.69 58.69 30.44
N LYS A 409 19.07 58.32 31.66
CA LYS A 409 19.08 56.92 32.06
C LYS A 409 17.67 56.38 32.24
N TYR A 410 16.79 57.20 32.80
CA TYR A 410 15.42 56.82 33.05
C TYR A 410 14.66 56.61 31.74
N VAL A 411 14.86 57.51 30.79
CA VAL A 411 14.26 57.38 29.46
C VAL A 411 14.64 56.05 28.81
N GLU A 412 15.91 55.70 28.86
CA GLU A 412 16.38 54.47 28.21
C GLU A 412 15.89 53.25 28.96
N ASP A 413 15.91 53.33 30.29
CA ASP A 413 15.45 52.22 31.11
C ASP A 413 13.95 51.98 30.92
N THR A 414 13.20 53.06 30.74
CA THR A 414 11.77 52.99 30.48
C THR A 414 11.51 52.32 29.12
N LYS A 415 12.25 52.77 28.10
CA LYS A 415 12.14 52.21 26.77
C LYS A 415 12.43 50.71 26.73
N ILE A 416 13.50 50.30 27.40
CA ILE A 416 13.89 48.89 27.44
C ILE A 416 12.83 48.00 28.09
N ASP A 417 12.31 48.45 29.24
CA ASP A 417 11.26 47.69 29.93
C ASP A 417 10.02 47.50 29.05
N LEU A 418 9.63 48.56 28.36
CA LEU A 418 8.45 48.49 27.51
C LEU A 418 8.65 47.55 26.32
N TRP A 419 9.81 47.60 25.68
CA TRP A 419 10.06 46.72 24.54
C TRP A 419 10.26 45.27 24.97
N SER A 420 10.81 45.08 26.16
CA SER A 420 10.96 43.74 26.72
C SER A 420 9.58 43.16 26.97
N TYR A 421 8.67 44.01 27.47
CA TYR A 421 7.29 43.59 27.68
C TYR A 421 6.63 43.18 26.36
N ASN A 422 6.78 44.02 25.34
CA ASN A 422 6.21 43.73 24.03
C ASN A 422 6.70 42.41 23.47
N ALA A 423 8.01 42.17 23.60
CA ALA A 423 8.62 40.96 23.09
C ALA A 423 8.06 39.73 23.80
N GLU A 424 7.93 39.84 25.12
CA GLU A 424 7.41 38.73 25.92
C GLU A 424 5.97 38.38 25.54
N LEU A 425 5.12 39.39 25.45
CA LEU A 425 3.70 39.20 25.16
C LEU A 425 3.51 38.68 23.75
N LEU A 426 4.29 39.22 22.81
CA LEU A 426 4.16 38.86 21.41
C LEU A 426 4.38 37.36 21.21
N VAL A 427 5.46 36.87 21.78
CA VAL A 427 5.82 35.47 21.64
C VAL A 427 4.80 34.54 22.30
N ALA A 428 4.31 34.88 23.49
CA ALA A 428 3.33 34.06 24.17
C ALA A 428 2.01 34.03 23.39
N LEU A 429 1.64 35.20 22.88
CA LEU A 429 0.44 35.37 22.06
C LEU A 429 0.53 34.59 20.77
N GLU A 430 1.63 34.75 20.02
CA GLU A 430 1.79 34.06 18.75
C GLU A 430 1.82 32.55 18.92
N ASN A 431 2.51 32.09 19.96
CA ASN A 431 2.64 30.66 20.22
C ASN A 431 1.30 30.05 20.59
N GLN A 432 0.52 30.76 21.39
CA GLN A 432 -0.83 30.34 21.71
C GLN A 432 -1.64 30.19 20.44
N HIS A 433 -1.49 31.15 19.53
CA HIS A 433 -2.24 31.13 18.28
C HIS A 433 -1.76 30.01 17.35
N THR A 434 -0.44 29.83 17.27
CA THR A 434 0.14 28.78 16.43
C THR A 434 -0.33 27.39 16.85
N ILE A 435 -0.42 27.16 18.15
CA ILE A 435 -0.83 25.87 18.66
C ILE A 435 -2.30 25.63 18.33
N ASP A 436 -3.10 26.68 18.48
CA ASP A 436 -4.53 26.60 18.17
C ASP A 436 -4.79 26.39 16.68
N VAL A 437 -4.00 27.04 15.83
CA VAL A 437 -4.12 26.83 14.39
C VAL A 437 -3.80 25.37 14.01
N THR A 438 -2.73 24.82 14.57
CA THR A 438 -2.34 23.46 14.20
C THR A 438 -3.33 22.43 14.73
N ASP A 439 -3.84 22.66 15.93
CA ASP A 439 -4.91 21.85 16.49
C ASP A 439 -6.17 21.98 15.61
N SER A 440 -6.49 23.21 15.23
CA SER A 440 -7.61 23.47 14.32
C SER A 440 -7.50 22.69 13.00
N GLU A 441 -6.36 22.79 12.33
CA GLU A 441 -6.21 22.14 11.03
C GLU A 441 -6.29 20.61 11.14
N MET A 442 -5.77 20.07 12.24
CA MET A 442 -5.92 18.65 12.51
C MET A 442 -7.39 18.25 12.55
N ASN A 443 -8.19 19.00 13.27
CA ASN A 443 -9.57 18.63 13.36
C ASN A 443 -10.40 19.02 12.12
N LYS A 444 -9.97 20.00 11.31
CA LYS A 444 -10.63 20.21 10.00
C LYS A 444 -10.43 19.02 9.07
N LEU A 445 -9.23 18.44 9.10
CA LEU A 445 -8.95 17.24 8.31
C LEU A 445 -9.83 16.08 8.75
N PHE A 446 -9.88 15.84 10.05
CA PHE A 446 -10.73 14.78 10.59
C PHE A 446 -12.18 14.96 10.15
N GLU A 447 -12.67 16.20 10.27
CA GLU A 447 -14.05 16.52 9.94
C GLU A 447 -14.34 16.40 8.45
N ARG A 448 -13.38 16.79 7.63
CA ARG A 448 -13.48 16.61 6.19
C ARG A 448 -13.71 15.14 5.84
N VAL A 449 -12.92 14.26 6.44
CA VAL A 449 -12.99 12.83 6.13
C VAL A 449 -14.28 12.24 6.66
N ARG A 450 -14.65 12.64 7.88
CA ARG A 450 -15.92 12.24 8.49
C ARG A 450 -17.08 12.53 7.54
N ARG A 451 -17.09 13.72 6.97
CA ARG A 451 -18.17 14.11 6.09
C ARG A 451 -18.16 13.31 4.77
N GLN A 452 -16.98 13.03 4.24
CA GLN A 452 -16.88 12.16 3.06
C GLN A 452 -17.54 10.79 3.26
N LEU A 453 -17.35 10.24 4.46
CA LEU A 453 -17.74 8.85 4.71
C LEU A 453 -19.23 8.68 4.98
N ARG A 454 -19.92 9.77 5.33
CA ARG A 454 -21.36 9.74 5.56
C ARG A 454 -21.78 8.62 6.52
N GLU A 455 -22.66 7.75 6.04
CA GLU A 455 -23.19 6.67 6.85
C GLU A 455 -22.40 5.37 6.74
N ASN A 456 -21.26 5.41 6.05
CA ASN A 456 -20.50 4.20 5.79
C ASN A 456 -19.42 3.88 6.83
N ALA A 457 -19.26 4.76 7.81
CA ALA A 457 -18.20 4.61 8.80
C ALA A 457 -18.61 5.14 10.16
N GLU A 458 -17.92 4.70 11.20
CA GLU A 458 -18.17 5.17 12.55
C GLU A 458 -16.88 5.63 13.20
N ASP A 459 -16.96 6.73 13.92
CA ASP A 459 -15.85 7.31 14.67
C ASP A 459 -15.50 6.39 15.84
N LYS A 460 -14.27 5.89 15.88
CA LYS A 460 -13.85 5.01 16.97
C LYS A 460 -13.41 5.76 18.22
N GLY A 461 -13.13 7.06 18.08
CA GLY A 461 -12.80 7.90 19.22
C GLY A 461 -11.36 8.36 19.36
N ASN A 462 -10.49 7.81 18.53
CA ASN A 462 -9.05 8.10 18.57
C ASN A 462 -8.54 8.74 17.29
N GLY A 463 -9.43 9.42 16.58
CA GLY A 463 -9.08 9.98 15.28
C GLY A 463 -9.20 8.96 14.15
N CYS A 464 -9.75 7.79 14.46
CA CYS A 464 -9.92 6.73 13.46
C CYS A 464 -11.38 6.43 13.15
N PHE A 465 -11.63 6.08 11.89
CA PHE A 465 -12.93 5.59 11.45
C PHE A 465 -12.89 4.11 11.13
N GLU A 466 -13.84 3.37 11.68
CA GLU A 466 -14.09 2.00 11.25
C GLU A 466 -14.98 2.04 10.01
N ILE A 467 -14.47 1.50 8.91
CA ILE A 467 -15.19 1.55 7.64
C ILE A 467 -15.93 0.25 7.43
N PHE A 468 -17.26 0.32 7.30
CA PHE A 468 -18.10 -0.88 7.34
C PHE A 468 -18.33 -1.50 5.97
N HIS A 469 -17.30 -1.46 5.14
CA HIS A 469 -17.34 -2.13 3.85
C HIS A 469 -15.91 -2.41 3.41
N LYS A 470 -15.73 -3.37 2.52
CA LYS A 470 -14.41 -3.64 1.94
C LYS A 470 -13.92 -2.38 1.26
N CYS A 471 -12.68 -2.00 1.54
CA CYS A 471 -12.12 -0.78 1.00
C CYS A 471 -10.68 -1.08 0.61
N ASP A 472 -10.48 -1.44 -0.65
CA ASP A 472 -9.16 -1.80 -1.15
C ASP A 472 -8.30 -0.55 -1.32
N ASN A 473 -7.08 -0.72 -1.85
CA ASN A 473 -6.15 0.40 -1.93
C ASN A 473 -6.68 1.56 -2.76
N ASN A 474 -7.38 1.27 -3.85
CA ASN A 474 -7.97 2.33 -4.67
C ASN A 474 -9.09 3.05 -3.91
N CYS A 475 -9.83 2.30 -3.12
CA CYS A 475 -10.89 2.86 -2.29
C CYS A 475 -10.30 3.81 -1.26
N ILE A 476 -9.26 3.35 -0.54
CA ILE A 476 -8.55 4.18 0.43
C ILE A 476 -8.04 5.46 -0.20
N GLU A 477 -7.38 5.32 -1.34
CA GLU A 477 -6.85 6.47 -2.04
C GLU A 477 -7.98 7.42 -2.47
N SER A 478 -9.15 6.88 -2.80
CA SER A 478 -10.27 7.73 -3.19
C SER A 478 -10.72 8.59 -2.01
N ILE A 479 -10.68 8.03 -0.81
CA ILE A 479 -10.93 8.81 0.41
C ILE A 479 -9.88 9.90 0.60
N ARG A 480 -8.61 9.54 0.44
CA ARG A 480 -7.54 10.50 0.65
C ARG A 480 -7.54 11.64 -0.38
N ASN A 481 -7.97 11.37 -1.62
CA ASN A 481 -7.90 12.43 -2.62
C ASN A 481 -9.26 13.07 -2.91
N GLY A 482 -10.26 12.71 -2.11
CA GLY A 482 -11.55 13.38 -2.14
C GLY A 482 -12.52 12.93 -3.22
N THR A 483 -12.30 11.75 -3.79
CA THR A 483 -13.18 11.26 -4.86
C THR A 483 -14.08 10.10 -4.40
N TYR A 484 -14.01 9.77 -3.11
CA TYR A 484 -14.82 8.69 -2.54
C TYR A 484 -16.30 9.00 -2.69
N ASP A 485 -17.03 8.05 -3.29
CA ASP A 485 -18.46 8.17 -3.53
C ASP A 485 -19.21 7.24 -2.57
N HIS A 486 -19.73 7.82 -1.49
CA HIS A 486 -20.36 7.03 -0.44
C HIS A 486 -21.54 6.16 -0.92
N ASP A 487 -22.23 6.60 -1.96
CA ASP A 487 -23.38 5.85 -2.49
C ASP A 487 -23.02 4.46 -3.04
N ILE A 488 -21.78 4.32 -3.52
CA ILE A 488 -21.28 3.03 -4.01
C ILE A 488 -21.35 1.93 -2.95
N TYR A 489 -20.95 2.27 -1.72
CA TYR A 489 -20.82 1.27 -0.66
C TYR A 489 -21.91 1.33 0.40
N ARG A 490 -22.82 2.28 0.27
CA ARG A 490 -23.79 2.56 1.33
C ARG A 490 -24.64 1.36 1.71
N ASP A 491 -25.17 0.63 0.72
CA ASP A 491 -25.96 -0.57 0.99
C ASP A 491 -25.18 -1.57 1.82
N GLU A 492 -23.96 -1.88 1.36
CA GLU A 492 -23.09 -2.81 2.06
C GLU A 492 -22.82 -2.31 3.49
N ALA A 493 -22.52 -1.03 3.61
CA ALA A 493 -22.16 -0.44 4.90
C ALA A 493 -23.31 -0.44 5.90
N ILE A 494 -24.49 -0.05 5.45
CA ILE A 494 -25.66 0.04 6.33
C ILE A 494 -26.00 -1.34 6.88
N ASN A 495 -25.95 -2.34 6.01
CA ASN A 495 -26.20 -3.72 6.43
C ASN A 495 -25.21 -4.20 7.48
N ASN A 496 -23.93 -3.90 7.28
CA ASN A 496 -22.90 -4.28 8.26
C ASN A 496 -23.03 -3.54 9.59
N ARG A 497 -23.40 -2.25 9.54
CA ARG A 497 -23.52 -1.45 10.76
C ARG A 497 -24.66 -1.90 11.68
N PHE A 498 -25.82 -2.16 11.10
CA PHE A 498 -27.03 -2.33 11.90
C PHE A 498 -27.57 -3.75 11.93
N GLN A 499 -26.81 -4.70 11.40
CA GLN A 499 -27.22 -6.11 11.40
C GLN A 499 -26.02 -7.03 11.52
N GLY B 5 18.52 0.28 3.84
CA GLY B 5 18.96 -1.09 4.00
C GLY B 5 18.07 -1.78 4.98
N ASN B 6 16.79 -1.91 4.60
CA ASN B 6 15.73 -1.92 5.60
C ASN B 6 14.33 -2.34 5.07
N PRO B 7 13.95 -1.93 3.85
CA PRO B 7 12.71 -2.52 3.34
C PRO B 7 12.84 -4.02 3.09
N VAL B 8 11.73 -4.74 3.13
CA VAL B 8 11.70 -6.19 2.97
C VAL B 8 10.60 -6.61 2.00
N ILE B 9 10.90 -7.55 1.10
CA ILE B 9 9.85 -8.16 0.29
C ILE B 9 9.89 -9.68 0.45
N CYS B 10 8.73 -10.27 0.71
CA CYS B 10 8.59 -11.70 0.97
C CYS B 10 7.76 -12.39 -0.11
N MET B 11 8.26 -13.53 -0.59
CA MET B 11 7.52 -14.33 -1.55
C MET B 11 6.81 -15.48 -0.83
N GLY B 12 5.55 -15.71 -1.16
CA GLY B 12 4.78 -16.71 -0.43
C GLY B 12 3.65 -17.34 -1.22
N HIS B 13 2.79 -18.05 -0.50
CA HIS B 13 1.72 -18.81 -1.14
C HIS B 13 0.48 -18.82 -0.24
N HIS B 14 -0.65 -19.20 -0.83
CA HIS B 14 -1.92 -19.12 -0.12
C HIS B 14 -2.09 -20.31 0.82
N ALA B 15 -3.08 -20.20 1.70
CA ALA B 15 -3.43 -21.30 2.59
C ALA B 15 -4.88 -21.11 3.02
N VAL B 16 -5.50 -22.19 3.48
CA VAL B 16 -6.84 -22.11 4.06
C VAL B 16 -6.80 -22.70 5.45
N ALA B 17 -7.85 -22.47 6.24
CA ALA B 17 -7.90 -22.96 7.61
C ALA B 17 -7.82 -24.49 7.69
N ASN B 18 -8.61 -25.18 6.87
CA ASN B 18 -8.65 -26.63 6.91
C ASN B 18 -8.79 -27.22 5.51
N GLY B 19 -7.79 -27.97 5.09
CA GLY B 19 -7.74 -28.50 3.74
C GLY B 19 -8.23 -29.93 3.68
N THR B 20 -7.73 -30.68 2.69
CA THR B 20 -8.12 -32.07 2.48
C THR B 20 -6.91 -33.01 2.44
N MET B 21 -7.00 -34.14 3.15
CA MET B 21 -5.93 -35.12 3.17
C MET B 21 -5.88 -35.95 1.88
N VAL B 22 -4.69 -36.12 1.31
CA VAL B 22 -4.54 -36.97 0.13
C VAL B 22 -3.32 -37.86 0.31
N LYS B 23 -3.29 -38.96 -0.44
CA LYS B 23 -2.16 -39.86 -0.43
C LYS B 23 -1.16 -39.51 -1.54
N THR B 24 0.13 -39.65 -1.26
CA THR B 24 1.17 -39.55 -2.29
C THR B 24 1.99 -40.84 -2.32
N LEU B 25 3.07 -40.84 -3.11
CA LEU B 25 4.06 -41.92 -3.05
C LEU B 25 4.80 -41.91 -1.72
N ALA B 26 5.12 -40.72 -1.22
CA ALA B 26 5.97 -40.57 -0.05
C ALA B 26 5.21 -40.38 1.26
N ASP B 27 3.91 -40.12 1.18
CA ASP B 27 3.12 -39.80 2.37
C ASP B 27 1.78 -40.53 2.38
N ASP B 28 1.37 -41.00 3.56
CA ASP B 28 0.08 -41.67 3.69
C ASP B 28 -1.04 -40.64 3.66
N GLN B 29 -0.82 -39.52 4.36
CA GLN B 29 -1.82 -38.48 4.45
C GLN B 29 -1.15 -37.13 4.47
N VAL B 30 -1.48 -36.31 3.49
CA VAL B 30 -0.93 -34.97 3.48
C VAL B 30 -2.03 -33.98 3.08
N GLU B 31 -2.06 -32.86 3.80
CA GLU B 31 -3.12 -31.88 3.66
C GLU B 31 -2.83 -30.92 2.51
N VAL B 32 -3.78 -30.81 1.59
CA VAL B 32 -3.63 -29.90 0.47
C VAL B 32 -4.81 -28.93 0.47
N VAL B 33 -4.67 -27.82 -0.25
CA VAL B 33 -5.65 -26.74 -0.21
C VAL B 33 -6.99 -27.20 -0.78
N THR B 34 -6.96 -27.82 -1.96
CA THR B 34 -8.17 -28.40 -2.55
C THR B 34 -7.91 -29.81 -3.09
N ALA B 35 -8.97 -30.61 -3.19
CA ALA B 35 -8.88 -31.94 -3.76
C ALA B 35 -10.22 -32.34 -4.37
N GLN B 36 -10.19 -33.36 -5.22
CA GLN B 36 -11.40 -33.81 -5.90
C GLN B 36 -11.54 -35.33 -5.72
N GLU B 37 -12.74 -35.76 -5.33
CA GLU B 37 -13.04 -37.18 -5.17
C GLU B 37 -13.17 -37.85 -6.53
N LEU B 38 -12.49 -38.97 -6.74
CA LEU B 38 -12.54 -39.65 -8.03
C LEU B 38 -13.45 -40.89 -8.05
N VAL B 39 -13.90 -41.33 -6.88
CA VAL B 39 -14.76 -42.51 -6.81
C VAL B 39 -16.22 -42.10 -6.59
N GLU B 40 -17.09 -42.44 -7.52
CA GLU B 40 -18.51 -42.20 -7.35
C GLU B 40 -19.12 -43.24 -6.43
N SER B 41 -19.66 -42.78 -5.31
CA SER B 41 -20.26 -43.68 -4.32
C SER B 41 -21.75 -43.38 -4.11
N GLN B 42 -22.32 -42.53 -4.95
CA GLN B 42 -23.75 -42.22 -4.90
C GLN B 42 -24.43 -42.62 -6.21
N ASN B 43 -25.61 -43.22 -6.11
CA ASN B 43 -26.41 -43.53 -7.28
C ASN B 43 -27.80 -42.94 -7.20
N LEU B 44 -28.46 -42.82 -8.34
CA LEU B 44 -29.86 -42.40 -8.38
C LEU B 44 -30.75 -43.60 -8.06
N PRO B 45 -31.89 -43.36 -7.41
CA PRO B 45 -32.81 -44.44 -7.06
C PRO B 45 -33.72 -44.86 -8.22
N GLU B 46 -33.29 -44.51 -9.44
CA GLU B 46 -34.08 -44.81 -10.63
C GLU B 46 -33.17 -45.04 -11.85
N LEU B 47 -33.76 -45.59 -12.91
CA LEU B 47 -33.06 -45.79 -14.17
C LEU B 47 -33.47 -44.72 -15.18
N CYS B 48 -32.48 -44.11 -15.84
CA CYS B 48 -32.74 -43.05 -16.81
C CYS B 48 -33.09 -43.60 -18.19
N PRO B 49 -34.26 -43.21 -18.74
CA PRO B 49 -34.76 -43.74 -20.02
C PRO B 49 -34.18 -43.05 -21.25
N SER B 50 -33.29 -42.09 -21.07
CA SER B 50 -32.58 -41.48 -22.19
C SER B 50 -31.16 -41.16 -21.75
N PRO B 51 -30.21 -41.09 -22.70
CA PRO B 51 -30.37 -41.25 -24.15
C PRO B 51 -30.37 -42.71 -24.64
N LEU B 52 -30.21 -43.67 -23.75
CA LEU B 52 -30.28 -45.08 -24.15
C LEU B 52 -31.73 -45.56 -24.13
N ARG B 53 -32.09 -46.44 -25.05
CA ARG B 53 -33.44 -46.98 -25.08
C ARG B 53 -33.57 -48.15 -24.11
N LEU B 54 -34.34 -47.94 -23.05
CA LEU B 54 -34.63 -49.01 -22.09
C LEU B 54 -36.00 -49.60 -22.35
N VAL B 55 -36.08 -50.93 -22.34
CA VAL B 55 -37.35 -51.61 -22.45
C VAL B 55 -37.61 -52.42 -21.19
N ASP B 56 -38.74 -52.13 -20.55
CA ASP B 56 -39.11 -52.77 -19.29
C ASP B 56 -39.87 -54.06 -19.56
N GLY B 57 -39.33 -55.18 -19.07
CA GLY B 57 -39.98 -56.46 -19.23
C GLY B 57 -41.19 -56.61 -18.32
N GLN B 58 -41.14 -55.90 -17.18
CA GLN B 58 -42.18 -55.96 -16.16
C GLN B 58 -42.30 -57.40 -15.68
N THR B 59 -43.50 -57.98 -15.74
CA THR B 59 -43.74 -59.32 -15.18
C THR B 59 -43.13 -60.42 -16.04
N CYS B 60 -42.52 -60.01 -17.15
CA CYS B 60 -42.04 -60.96 -18.15
C CYS B 60 -40.51 -60.89 -18.30
N ASP B 61 -39.82 -62.00 -18.05
CA ASP B 61 -38.38 -62.06 -18.33
C ASP B 61 -38.18 -62.21 -19.83
N ILE B 62 -36.94 -62.12 -20.30
CA ILE B 62 -36.72 -62.03 -21.73
C ILE B 62 -37.02 -63.35 -22.47
N ILE B 63 -36.84 -64.48 -21.79
CA ILE B 63 -37.09 -65.77 -22.41
C ILE B 63 -38.58 -65.98 -22.64
N ASN B 64 -39.39 -65.69 -21.62
CA ASN B 64 -40.83 -65.79 -21.74
C ASN B 64 -41.37 -64.78 -22.76
N GLY B 65 -40.68 -63.66 -22.90
CA GLY B 65 -41.03 -62.65 -23.87
C GLY B 65 -40.82 -63.14 -25.29
N ALA B 66 -39.72 -63.85 -25.49
CA ALA B 66 -39.41 -64.42 -26.80
C ALA B 66 -40.39 -65.53 -27.15
N LEU B 67 -40.79 -66.32 -26.15
CA LEU B 67 -41.71 -67.43 -26.36
C LEU B 67 -43.14 -66.96 -26.60
N GLY B 68 -43.46 -65.78 -26.09
CA GLY B 68 -44.79 -65.22 -26.22
C GLY B 68 -45.74 -65.71 -25.15
N SER B 69 -45.22 -65.87 -23.93
CA SER B 69 -46.03 -66.24 -22.78
C SER B 69 -47.07 -65.16 -22.49
N PRO B 70 -48.14 -65.52 -21.77
CA PRO B 70 -49.18 -64.55 -21.38
C PRO B 70 -48.61 -63.37 -20.59
N GLY B 71 -48.94 -62.16 -21.02
CA GLY B 71 -48.50 -60.95 -20.35
C GLY B 71 -47.24 -60.37 -20.97
N CYS B 72 -46.78 -60.97 -22.06
CA CYS B 72 -45.55 -60.51 -22.70
C CYS B 72 -45.84 -59.83 -24.03
N ASP B 73 -47.10 -59.51 -24.27
CA ASP B 73 -47.51 -58.97 -25.56
C ASP B 73 -46.98 -57.55 -25.78
N HIS B 74 -46.69 -56.85 -24.68
CA HIS B 74 -46.16 -55.49 -24.79
C HIS B 74 -44.74 -55.48 -25.32
N LEU B 75 -44.07 -56.63 -25.24
CA LEU B 75 -42.69 -56.75 -25.70
C LEU B 75 -42.63 -56.99 -27.21
N ASN B 76 -43.79 -57.24 -27.82
CA ASN B 76 -43.85 -57.45 -29.26
C ASN B 76 -43.43 -56.21 -30.01
N GLY B 77 -42.44 -56.35 -30.91
CA GLY B 77 -41.95 -55.24 -31.70
C GLY B 77 -40.89 -54.38 -31.00
N ALA B 78 -40.67 -54.65 -29.71
CA ALA B 78 -39.76 -53.83 -28.90
C ALA B 78 -38.32 -53.83 -29.40
N GLU B 79 -37.69 -52.66 -29.34
CA GLU B 79 -36.26 -52.50 -29.61
C GLU B 79 -35.60 -51.87 -28.38
N TRP B 80 -34.40 -52.33 -28.03
CA TRP B 80 -33.71 -51.80 -26.86
C TRP B 80 -32.19 -51.73 -27.01
N ASP B 81 -31.60 -50.81 -26.26
CA ASP B 81 -30.17 -50.85 -25.97
C ASP B 81 -29.99 -51.73 -24.74
N VAL B 82 -30.87 -51.55 -23.76
CA VAL B 82 -30.81 -52.32 -22.53
C VAL B 82 -32.19 -52.86 -22.18
N PHE B 83 -32.32 -54.19 -22.19
CA PHE B 83 -33.52 -54.85 -21.73
C PHE B 83 -33.51 -54.86 -20.21
N ILE B 84 -34.55 -54.33 -19.59
CA ILE B 84 -34.65 -54.33 -18.13
C ILE B 84 -35.50 -55.50 -17.67
N GLU B 85 -34.85 -56.48 -17.03
CA GLU B 85 -35.50 -57.71 -16.61
C GLU B 85 -35.73 -57.67 -15.10
N ARG B 86 -36.95 -57.97 -14.67
CA ARG B 86 -37.32 -57.83 -13.25
C ARG B 86 -37.16 -59.13 -12.49
N PRO B 87 -36.52 -59.07 -11.32
CA PRO B 87 -36.29 -60.27 -10.48
C PRO B 87 -37.59 -60.88 -9.96
N ASN B 88 -38.68 -60.13 -9.95
CA ASN B 88 -39.95 -60.68 -9.48
C ASN B 88 -40.82 -61.18 -10.63
N ALA B 89 -40.21 -61.41 -11.78
CA ALA B 89 -40.91 -61.95 -12.95
C ALA B 89 -41.39 -63.37 -12.67
N VAL B 90 -42.53 -63.71 -13.24
CA VAL B 90 -43.16 -65.00 -12.97
C VAL B 90 -43.52 -65.77 -14.23
N ASP B 91 -43.41 -67.09 -14.16
CA ASP B 91 -43.83 -67.96 -15.27
C ASP B 91 -45.35 -68.00 -15.34
N THR B 92 -45.89 -67.67 -16.50
CA THR B 92 -47.35 -67.61 -16.69
C THR B 92 -47.86 -68.65 -17.67
N CYS B 93 -47.06 -69.68 -17.94
CA CYS B 93 -47.39 -70.62 -19.00
C CYS B 93 -47.00 -72.05 -18.65
N TYR B 94 -46.91 -72.90 -19.67
CA TYR B 94 -46.55 -74.30 -19.50
C TYR B 94 -45.14 -74.45 -18.92
N PRO B 95 -44.98 -75.34 -17.94
CA PRO B 95 -43.64 -75.60 -17.36
C PRO B 95 -42.63 -76.00 -18.43
N PHE B 96 -41.49 -75.31 -18.43
CA PHE B 96 -40.48 -75.52 -19.46
C PHE B 96 -39.06 -75.35 -18.94
N ASP B 97 -38.09 -75.92 -19.65
CA ASP B 97 -36.70 -75.58 -19.42
C ASP B 97 -36.02 -75.31 -20.76
N VAL B 98 -34.84 -74.71 -20.70
CA VAL B 98 -34.03 -74.49 -21.89
C VAL B 98 -32.61 -75.00 -21.67
N PRO B 99 -32.25 -76.12 -22.31
CA PRO B 99 -30.84 -76.50 -22.32
C PRO B 99 -30.02 -75.34 -22.87
N GLU B 100 -28.99 -74.92 -22.14
CA GLU B 100 -28.23 -73.71 -22.45
C GLU B 100 -29.13 -72.47 -22.37
N TYR B 101 -29.90 -72.37 -21.28
CA TYR B 101 -30.75 -71.22 -21.01
C TYR B 101 -29.99 -69.91 -21.10
N GLN B 102 -28.83 -69.89 -20.44
CA GLN B 102 -27.99 -68.70 -20.37
C GLN B 102 -27.62 -68.20 -21.76
N SER B 103 -27.27 -69.13 -22.66
CA SER B 103 -26.84 -68.73 -24.00
C SER B 103 -27.98 -68.19 -24.84
N LEU B 104 -29.18 -68.76 -24.71
CA LEU B 104 -30.33 -68.24 -25.43
C LEU B 104 -30.68 -66.83 -24.93
N ARG B 105 -30.66 -66.67 -23.62
CA ARG B 105 -30.93 -65.38 -22.99
C ARG B 105 -29.94 -64.31 -23.47
N SER B 106 -28.66 -64.68 -23.54
CA SER B 106 -27.62 -63.78 -24.01
C SER B 106 -27.86 -63.35 -25.46
N ILE B 107 -28.21 -64.30 -26.30
CA ILE B 107 -28.44 -64.03 -27.72
C ILE B 107 -29.61 -63.06 -27.89
N LEU B 108 -30.73 -63.35 -27.21
CA LEU B 108 -31.90 -62.49 -27.27
C LEU B 108 -31.61 -61.07 -26.76
N ALA B 109 -30.88 -60.99 -25.64
CA ALA B 109 -30.51 -59.70 -25.05
C ALA B 109 -29.59 -58.89 -25.97
N ASN B 110 -28.57 -59.58 -26.47
CA ASN B 110 -27.55 -58.95 -27.29
C ASN B 110 -28.10 -58.51 -28.64
N ASN B 111 -28.97 -59.33 -29.22
CA ASN B 111 -29.59 -59.00 -30.50
C ASN B 111 -30.32 -57.66 -30.42
N GLY B 112 -31.13 -57.49 -29.38
CA GLY B 112 -31.67 -56.17 -29.06
C GLY B 112 -33.03 -55.79 -29.62
N LYS B 113 -33.74 -56.75 -30.17
CA LYS B 113 -35.10 -56.48 -30.62
C LYS B 113 -35.94 -57.75 -30.64
N PHE B 114 -37.25 -57.56 -30.49
CA PHE B 114 -38.23 -58.63 -30.66
C PHE B 114 -39.06 -58.36 -31.90
N GLU B 115 -38.52 -58.73 -33.06
CA GLU B 115 -39.20 -58.51 -34.33
C GLU B 115 -39.55 -59.85 -34.97
N PHE B 116 -40.78 -60.29 -34.77
CA PHE B 116 -41.20 -61.61 -35.21
C PHE B 116 -41.80 -61.59 -36.61
N ILE B 117 -41.42 -62.57 -37.42
CA ILE B 117 -41.95 -62.71 -38.76
C ILE B 117 -42.68 -64.04 -38.90
N ALA B 118 -44.01 -63.97 -38.96
CA ALA B 118 -44.82 -65.17 -39.09
C ALA B 118 -44.59 -65.86 -40.45
N GLU B 119 -44.45 -67.18 -40.41
CA GLU B 119 -44.40 -68.00 -41.63
C GLU B 119 -45.52 -69.03 -41.59
N GLU B 120 -45.91 -69.51 -42.77
CA GLU B 120 -46.93 -70.55 -42.84
C GLU B 120 -46.29 -71.94 -42.93
N PHE B 121 -46.48 -72.72 -41.87
CA PHE B 121 -45.99 -74.10 -41.83
C PHE B 121 -47.12 -75.08 -42.12
N GLN B 122 -47.11 -75.65 -43.32
CA GLN B 122 -48.16 -76.58 -43.72
C GLN B 122 -47.92 -77.98 -43.15
N TRP B 123 -48.18 -78.11 -41.86
CA TRP B 123 -48.08 -79.41 -41.19
C TRP B 123 -49.10 -80.37 -41.77
N ASN B 124 -48.75 -81.65 -41.78
CA ASN B 124 -49.58 -82.68 -42.42
C ASN B 124 -51.02 -82.80 -41.92
N THR B 125 -51.35 -83.97 -41.39
CA THR B 125 -52.70 -84.25 -40.95
C THR B 125 -52.86 -83.95 -39.48
N VAL B 126 -51.74 -83.64 -38.84
CA VAL B 126 -51.76 -83.32 -37.41
C VAL B 126 -52.67 -82.14 -37.08
N LYS B 127 -53.24 -82.16 -35.89
CA LYS B 127 -54.00 -81.01 -35.39
C LYS B 127 -53.03 -79.98 -34.82
N GLN B 128 -53.38 -78.70 -34.97
CA GLN B 128 -52.51 -77.61 -34.50
C GLN B 128 -53.13 -76.85 -33.33
N ASN B 129 -52.35 -75.93 -32.78
CA ASN B 129 -52.82 -74.98 -31.78
C ASN B 129 -53.29 -75.61 -30.48
N GLY B 130 -52.63 -76.69 -30.08
CA GLY B 130 -52.88 -77.30 -28.79
C GLY B 130 -52.67 -76.29 -27.67
N LYS B 131 -53.49 -76.38 -26.62
CA LYS B 131 -53.45 -75.41 -25.53
C LYS B 131 -53.45 -76.10 -24.17
N SER B 132 -53.46 -75.33 -23.10
CA SER B 132 -53.33 -75.90 -21.76
C SER B 132 -53.87 -75.00 -20.67
N GLY B 133 -54.18 -75.60 -19.52
CA GLY B 133 -54.69 -74.86 -18.37
C GLY B 133 -53.57 -74.27 -17.55
N ALA B 134 -52.34 -74.66 -17.88
CA ALA B 134 -51.16 -74.13 -17.20
C ALA B 134 -50.73 -72.82 -17.86
N CYS B 135 -51.38 -72.49 -18.97
CA CYS B 135 -51.05 -71.30 -19.74
C CYS B 135 -52.29 -70.53 -20.15
N LYS B 136 -53.04 -70.04 -19.18
CA LYS B 136 -54.29 -69.34 -19.46
C LYS B 136 -54.08 -67.89 -19.88
N ARG B 137 -54.85 -67.49 -20.89
CA ARG B 137 -54.88 -66.10 -21.34
C ARG B 137 -56.30 -65.57 -21.19
N ALA B 138 -56.49 -64.67 -20.22
CA ALA B 138 -57.82 -64.18 -19.85
C ALA B 138 -58.74 -65.33 -19.44
N ASN B 139 -58.24 -66.18 -18.54
CA ASN B 139 -58.97 -67.35 -18.05
C ASN B 139 -59.40 -68.30 -19.17
N VAL B 140 -58.70 -68.25 -20.29
CA VAL B 140 -58.94 -69.16 -21.42
C VAL B 140 -57.67 -69.97 -21.66
N ASN B 141 -57.83 -71.29 -21.80
CA ASN B 141 -56.67 -72.15 -22.07
C ASN B 141 -55.94 -71.76 -23.36
N ASP B 142 -54.65 -71.48 -23.23
CA ASP B 142 -53.85 -71.00 -24.35
C ASP B 142 -52.44 -71.62 -24.30
N PHE B 143 -51.49 -70.95 -24.93
CA PHE B 143 -50.14 -71.48 -25.12
C PHE B 143 -49.20 -70.33 -25.49
N PHE B 144 -47.91 -70.62 -25.64
CA PHE B 144 -46.96 -69.62 -26.10
C PHE B 144 -47.36 -69.17 -27.51
N ASN B 145 -47.60 -67.87 -27.69
CA ASN B 145 -48.16 -67.43 -28.96
C ASN B 145 -47.15 -67.43 -30.10
N ARG B 146 -45.91 -67.80 -29.81
CA ARG B 146 -44.89 -67.95 -30.85
C ARG B 146 -44.70 -69.42 -31.20
N LEU B 147 -45.32 -70.30 -30.42
CA LEU B 147 -45.17 -71.74 -30.61
C LEU B 147 -46.49 -72.41 -31.04
N ASN B 148 -46.37 -73.50 -31.79
CA ASN B 148 -47.53 -74.23 -32.30
C ASN B 148 -47.50 -75.69 -31.86
N TRP B 149 -48.34 -76.03 -30.89
CA TRP B 149 -48.40 -77.39 -30.35
C TRP B 149 -49.13 -78.33 -31.32
N LEU B 150 -48.39 -79.31 -31.82
CA LEU B 150 -48.93 -80.26 -32.78
C LEU B 150 -49.31 -81.58 -32.12
N VAL B 151 -50.50 -82.08 -32.45
CA VAL B 151 -50.95 -83.38 -31.95
C VAL B 151 -51.57 -84.22 -33.07
N LYS B 152 -51.79 -85.49 -32.80
CA LYS B 152 -52.37 -86.40 -33.78
C LYS B 152 -53.81 -86.01 -34.15
N SER B 153 -54.19 -86.27 -35.40
CA SER B 153 -55.55 -85.99 -35.87
C SER B 153 -56.59 -86.81 -35.11
N ASP B 154 -57.85 -86.43 -35.25
CA ASP B 154 -58.95 -87.14 -34.60
C ASP B 154 -59.04 -88.57 -35.09
N GLY B 155 -58.50 -88.81 -36.29
CA GLY B 155 -58.44 -90.14 -36.84
C GLY B 155 -57.16 -90.85 -36.48
N ASN B 156 -56.58 -90.49 -35.33
CA ASN B 156 -55.36 -91.13 -34.81
C ASN B 156 -54.30 -91.22 -35.90
N ALA B 157 -53.63 -90.10 -36.17
CA ALA B 157 -52.67 -90.06 -37.26
C ALA B 157 -51.63 -88.96 -37.09
N TYR B 158 -50.41 -89.37 -36.76
CA TYR B 158 -49.27 -88.48 -36.71
C TYR B 158 -48.19 -88.97 -37.68
N PRO B 159 -48.31 -88.55 -38.95
CA PRO B 159 -47.33 -88.92 -39.98
C PRO B 159 -46.03 -88.14 -39.85
N LEU B 160 -44.95 -88.72 -40.37
CA LEU B 160 -43.65 -88.06 -40.39
C LEU B 160 -43.73 -86.74 -41.13
N GLN B 161 -43.50 -85.64 -40.39
CA GLN B 161 -43.49 -84.29 -40.95
C GLN B 161 -42.12 -83.95 -41.55
N ASN B 162 -42.13 -83.29 -42.70
CA ASN B 162 -40.87 -82.97 -43.39
C ASN B 162 -40.90 -81.57 -44.01
N LEU B 163 -41.02 -80.54 -43.18
CA LEU B 163 -41.10 -79.17 -43.67
C LEU B 163 -39.73 -78.50 -43.81
N THR B 164 -39.61 -77.65 -44.83
CA THR B 164 -38.37 -76.93 -45.09
C THR B 164 -38.62 -75.44 -45.30
N LYS B 165 -37.87 -74.61 -44.57
CA LYS B 165 -37.91 -73.17 -44.77
C LYS B 165 -36.57 -72.68 -45.28
N ILE B 166 -36.60 -71.91 -46.37
CA ILE B 166 -35.39 -71.46 -47.04
C ILE B 166 -35.12 -69.98 -46.76
N ASN B 167 -33.88 -69.67 -46.39
CA ASN B 167 -33.48 -68.29 -46.12
C ASN B 167 -32.64 -67.68 -47.26
N ASN B 168 -33.24 -66.65 -47.85
CA ASN B 168 -32.93 -66.09 -49.14
C ASN B 168 -33.18 -64.58 -49.05
N GLY B 169 -33.46 -64.17 -47.81
CA GLY B 169 -33.50 -62.76 -47.42
C GLY B 169 -32.12 -62.23 -47.07
N ASP B 170 -32.08 -61.03 -46.50
CA ASP B 170 -30.80 -60.37 -46.26
C ASP B 170 -30.49 -60.23 -44.78
N TYR B 171 -31.01 -61.17 -43.97
CA TYR B 171 -30.78 -61.17 -42.54
C TYR B 171 -30.84 -62.60 -42.02
N ALA B 172 -30.12 -62.89 -40.94
CA ALA B 172 -30.16 -64.22 -40.34
C ALA B 172 -31.44 -64.39 -39.52
N ARG B 173 -31.94 -65.62 -39.48
CA ARG B 173 -33.19 -65.89 -38.78
C ARG B 173 -32.98 -66.73 -37.54
N LEU B 174 -33.68 -66.36 -36.46
CA LEU B 174 -33.69 -67.15 -35.24
C LEU B 174 -35.02 -67.89 -35.09
N TYR B 175 -34.97 -69.21 -35.20
CA TYR B 175 -36.15 -70.06 -34.99
C TYR B 175 -36.11 -70.69 -33.61
N ILE B 176 -37.18 -70.51 -32.84
CA ILE B 176 -37.28 -71.18 -31.55
C ILE B 176 -38.33 -72.29 -31.61
N TRP B 177 -37.91 -73.50 -31.23
CA TRP B 177 -38.78 -74.67 -31.27
C TRP B 177 -38.58 -75.49 -30.01
N GLY B 178 -39.48 -76.44 -29.78
CA GLY B 178 -39.45 -77.21 -28.57
C GLY B 178 -39.79 -78.68 -28.72
N VAL B 179 -39.63 -79.42 -27.64
CA VAL B 179 -39.92 -80.85 -27.60
C VAL B 179 -40.68 -81.16 -26.32
N HIS B 180 -41.82 -81.84 -26.45
CA HIS B 180 -42.67 -82.13 -25.32
C HIS B 180 -42.29 -83.42 -24.59
N HIS B 181 -42.31 -83.39 -23.27
CA HIS B 181 -41.94 -84.54 -22.44
C HIS B 181 -43.11 -85.01 -21.58
N PRO B 182 -43.83 -86.06 -22.03
CA PRO B 182 -45.00 -86.60 -21.33
C PRO B 182 -44.64 -87.33 -20.04
N SER B 183 -45.65 -87.61 -19.21
CA SER B 183 -45.43 -88.28 -17.94
C SER B 183 -45.56 -89.79 -18.03
N THR B 184 -46.40 -90.27 -18.95
CA THR B 184 -46.63 -91.71 -19.11
C THR B 184 -46.63 -92.14 -20.58
N ASP B 185 -46.56 -93.44 -20.82
CA ASP B 185 -46.61 -93.97 -22.18
C ASP B 185 -48.01 -93.83 -22.77
N THR B 186 -49.03 -93.82 -21.91
CA THR B 186 -50.40 -93.60 -22.37
C THR B 186 -50.60 -92.13 -22.73
N GLU B 187 -50.01 -91.22 -21.95
CA GLU B 187 -50.06 -89.80 -22.30
C GLU B 187 -49.37 -89.58 -23.63
N GLN B 188 -48.20 -90.21 -23.81
CA GLN B 188 -47.47 -90.14 -25.06
C GLN B 188 -48.37 -90.57 -26.22
N THR B 189 -49.06 -91.70 -26.05
CA THR B 189 -49.85 -92.27 -27.14
C THR B 189 -51.11 -91.44 -27.47
N ASN B 190 -51.85 -91.01 -26.44
CA ASN B 190 -53.07 -90.23 -26.69
C ASN B 190 -52.77 -88.83 -27.20
N LEU B 191 -51.50 -88.43 -27.16
CA LEU B 191 -51.12 -87.14 -27.71
C LEU B 191 -50.55 -87.27 -29.12
N TYR B 192 -49.58 -88.18 -29.26
CA TYR B 192 -49.00 -88.54 -30.55
C TYR B 192 -48.94 -90.06 -30.65
N LYS B 193 -49.81 -90.63 -31.48
CA LYS B 193 -49.96 -92.08 -31.60
C LYS B 193 -48.66 -92.86 -31.50
N ASN B 194 -47.56 -92.29 -31.99
CA ASN B 194 -46.28 -92.99 -32.01
C ASN B 194 -45.55 -92.94 -30.67
N ASN B 195 -44.83 -94.02 -30.38
CA ASN B 195 -44.04 -94.11 -29.16
C ASN B 195 -42.75 -94.88 -29.44
N PRO B 196 -41.59 -94.21 -29.31
CA PRO B 196 -41.44 -92.82 -28.88
C PRO B 196 -41.56 -91.81 -30.01
N GLY B 197 -41.58 -90.53 -29.66
CA GLY B 197 -41.55 -89.47 -30.65
C GLY B 197 -40.12 -89.24 -31.12
N GLY B 198 -39.84 -88.02 -31.55
CA GLY B 198 -38.49 -87.68 -32.01
C GLY B 198 -38.51 -86.47 -32.91
N VAL B 199 -37.53 -85.61 -32.74
CA VAL B 199 -37.42 -84.39 -33.55
C VAL B 199 -36.02 -84.24 -34.11
N THR B 200 -35.92 -83.86 -35.37
CA THR B 200 -34.63 -83.52 -35.96
C THR B 200 -34.73 -82.23 -36.75
N VAL B 201 -34.16 -81.17 -36.19
CA VAL B 201 -34.07 -79.89 -36.88
C VAL B 201 -32.67 -79.74 -37.42
N SER B 202 -32.56 -79.44 -38.72
CA SER B 202 -31.25 -79.38 -39.34
C SER B 202 -31.11 -78.24 -40.33
N THR B 203 -29.87 -77.83 -40.56
CA THR B 203 -29.52 -76.90 -41.61
C THR B 203 -28.55 -77.60 -42.53
N LYS B 204 -27.92 -76.86 -43.44
CA LYS B 204 -26.93 -77.47 -44.31
C LYS B 204 -25.70 -77.94 -43.53
N THR B 205 -25.26 -77.12 -42.58
CA THR B 205 -24.02 -77.37 -41.87
C THR B 205 -24.21 -77.82 -40.43
N SER B 206 -25.47 -77.98 -40.01
CA SER B 206 -25.73 -78.37 -38.63
C SER B 206 -27.02 -79.15 -38.47
N GLN B 207 -27.14 -79.84 -37.34
CA GLN B 207 -28.32 -80.63 -37.03
C GLN B 207 -28.55 -80.70 -35.53
N THR B 208 -29.78 -80.99 -35.15
CA THR B 208 -30.11 -81.20 -33.74
C THR B 208 -31.16 -82.29 -33.64
N SER B 209 -30.89 -83.31 -32.86
CA SER B 209 -31.79 -84.44 -32.73
C SER B 209 -32.17 -84.65 -31.26
N VAL B 210 -33.46 -84.50 -30.96
CA VAL B 210 -33.94 -84.66 -29.60
C VAL B 210 -34.82 -85.90 -29.46
N VAL B 211 -34.53 -86.70 -28.44
CA VAL B 211 -35.33 -87.88 -28.13
C VAL B 211 -36.10 -87.61 -26.83
N PRO B 212 -37.43 -87.57 -26.91
CA PRO B 212 -38.29 -87.20 -25.78
C PRO B 212 -38.04 -88.08 -24.56
N ASN B 213 -38.30 -87.54 -23.37
CA ASN B 213 -38.11 -88.27 -22.13
C ASN B 213 -39.40 -88.33 -21.31
N ILE B 214 -39.78 -89.54 -20.92
CA ILE B 214 -41.04 -89.75 -20.24
C ILE B 214 -40.85 -90.17 -18.78
N GLY B 215 -41.46 -89.41 -17.87
CA GLY B 215 -41.34 -89.70 -16.45
C GLY B 215 -42.20 -88.79 -15.60
N SER B 216 -42.27 -89.09 -14.31
CA SER B 216 -43.04 -88.27 -13.38
C SER B 216 -42.22 -87.08 -12.89
N ARG B 217 -42.71 -85.88 -13.16
CA ARG B 217 -42.10 -84.66 -12.64
C ARG B 217 -43.00 -84.05 -11.59
N PRO B 218 -42.45 -83.13 -10.77
CA PRO B 218 -43.28 -82.37 -9.83
C PRO B 218 -44.43 -81.65 -10.52
N LEU B 219 -45.51 -81.42 -9.77
CA LEU B 219 -46.62 -80.65 -10.30
C LEU B 219 -46.25 -79.17 -10.35
N VAL B 220 -46.18 -78.62 -11.55
CA VAL B 220 -45.93 -77.19 -11.71
C VAL B 220 -47.08 -76.57 -12.51
N ARG B 221 -47.84 -75.70 -11.85
CA ARG B 221 -49.05 -75.14 -12.42
C ARG B 221 -49.99 -76.24 -12.92
N GLY B 222 -50.06 -77.33 -12.15
CA GLY B 222 -50.91 -78.45 -12.48
C GLY B 222 -50.40 -79.31 -13.61
N GLN B 223 -49.09 -79.48 -13.71
CA GLN B 223 -48.50 -80.30 -14.76
C GLN B 223 -47.29 -81.08 -14.27
N SER B 224 -47.20 -82.34 -14.69
CA SER B 224 -46.01 -83.14 -14.45
C SER B 224 -45.25 -83.32 -15.77
N SER B 225 -45.82 -82.81 -16.85
CA SER B 225 -45.16 -82.82 -18.14
C SER B 225 -44.33 -81.56 -18.35
N ARG B 226 -43.45 -81.59 -19.35
CA ARG B 226 -42.54 -80.47 -19.60
C ARG B 226 -42.36 -80.20 -21.09
N VAL B 227 -41.92 -78.99 -21.40
CA VAL B 227 -41.44 -78.66 -22.73
C VAL B 227 -40.00 -78.19 -22.64
N SER B 228 -39.13 -78.73 -23.48
CA SER B 228 -37.76 -78.25 -23.55
C SER B 228 -37.57 -77.47 -24.84
N PHE B 229 -37.02 -76.25 -24.73
CA PHE B 229 -36.89 -75.37 -25.88
C PHE B 229 -35.47 -75.30 -26.45
N TYR B 230 -35.39 -75.21 -27.77
CA TYR B 230 -34.13 -75.15 -28.49
C TYR B 230 -34.20 -73.99 -29.46
N TRP B 231 -33.10 -73.74 -30.15
CA TRP B 231 -33.12 -72.70 -31.15
C TRP B 231 -32.16 -73.03 -32.28
N THR B 232 -32.45 -72.50 -33.45
CA THR B 232 -31.60 -72.68 -34.60
C THR B 232 -31.46 -71.35 -35.32
N ILE B 233 -30.24 -70.97 -35.61
CA ILE B 233 -30.01 -69.76 -36.40
C ILE B 233 -29.79 -70.16 -37.85
N VAL B 234 -30.50 -69.49 -38.74
CA VAL B 234 -30.44 -69.81 -40.16
C VAL B 234 -29.90 -68.62 -40.94
N GLU B 235 -28.66 -68.74 -41.41
CA GLU B 235 -28.02 -67.67 -42.15
C GLU B 235 -28.60 -67.56 -43.56
N PRO B 236 -28.48 -66.38 -44.19
CA PRO B 236 -28.88 -66.26 -45.59
C PRO B 236 -28.10 -67.22 -46.47
N GLY B 237 -28.80 -67.98 -47.30
CA GLY B 237 -28.16 -68.98 -48.15
C GLY B 237 -28.42 -70.37 -47.60
N ASP B 238 -28.70 -70.46 -46.31
CA ASP B 238 -28.95 -71.74 -45.67
C ASP B 238 -30.45 -71.99 -45.60
N LEU B 239 -30.84 -73.06 -44.93
CA LEU B 239 -32.24 -73.40 -44.79
C LEU B 239 -32.43 -74.31 -43.58
N ILE B 240 -33.68 -74.48 -43.16
CA ILE B 240 -33.96 -75.26 -41.97
C ILE B 240 -35.03 -76.33 -42.24
N VAL B 241 -34.71 -77.56 -41.84
CA VAL B 241 -35.61 -78.68 -42.07
C VAL B 241 -36.16 -79.21 -40.74
N PHE B 242 -37.48 -79.17 -40.59
CA PHE B 242 -38.14 -79.72 -39.42
C PHE B 242 -38.68 -81.13 -39.68
N ASN B 243 -38.17 -82.11 -38.93
CA ASN B 243 -38.58 -83.50 -39.05
C ASN B 243 -39.06 -84.03 -37.70
N THR B 244 -40.25 -84.63 -37.66
CA THR B 244 -40.77 -85.16 -36.40
C THR B 244 -41.81 -86.29 -36.59
N ILE B 245 -41.68 -87.33 -35.78
CA ILE B 245 -42.70 -88.36 -35.71
C ILE B 245 -43.46 -88.23 -34.40
N GLY B 246 -43.24 -87.10 -33.72
CA GLY B 246 -43.95 -86.81 -32.49
C GLY B 246 -43.28 -85.78 -31.59
N ASN B 247 -44.09 -85.18 -30.72
CA ASN B 247 -43.65 -84.33 -29.60
C ASN B 247 -43.08 -82.96 -29.98
N LEU B 248 -43.12 -82.60 -31.26
CA LEU B 248 -42.59 -81.31 -31.67
C LEU B 248 -43.49 -80.15 -31.23
N ILE B 249 -42.90 -79.16 -30.55
CA ILE B 249 -43.56 -77.89 -30.34
C ILE B 249 -43.05 -76.92 -31.40
N ALA B 250 -43.85 -76.73 -32.45
CA ALA B 250 -43.41 -76.08 -33.67
C ALA B 250 -43.31 -74.55 -33.56
N PRO B 251 -42.44 -73.95 -34.37
CA PRO B 251 -42.37 -72.49 -34.50
C PRO B 251 -43.49 -71.94 -35.38
N ARG B 252 -43.93 -70.72 -35.11
CA ARG B 252 -44.94 -70.07 -35.96
C ARG B 252 -44.25 -69.08 -36.89
N GLY B 253 -42.92 -69.10 -36.88
CA GLY B 253 -42.14 -68.18 -37.67
C GLY B 253 -40.74 -68.04 -37.10
N HIS B 254 -40.13 -66.87 -37.29
CA HIS B 254 -38.76 -66.65 -36.83
C HIS B 254 -38.56 -65.21 -36.35
N TYR B 255 -37.62 -65.02 -35.43
CA TYR B 255 -37.22 -63.67 -35.05
C TYR B 255 -36.11 -63.19 -35.98
N LYS B 256 -36.13 -61.89 -36.29
CA LYS B 256 -35.07 -61.32 -37.12
C LYS B 256 -33.85 -61.01 -36.26
N LEU B 257 -32.66 -61.35 -36.76
CA LEU B 257 -31.43 -60.97 -36.09
C LEU B 257 -30.77 -59.78 -36.76
N ASN B 258 -30.43 -58.76 -35.97
CA ASN B 258 -29.61 -57.66 -36.47
C ASN B 258 -28.25 -58.20 -36.90
N ASN B 259 -27.66 -57.60 -37.93
CA ASN B 259 -26.34 -58.01 -38.36
C ASN B 259 -25.32 -57.72 -37.27
N GLN B 260 -25.33 -56.49 -36.76
CA GLN B 260 -24.50 -56.11 -35.63
C GLN B 260 -25.33 -56.07 -34.36
N LYS B 261 -24.89 -56.83 -33.35
CA LYS B 261 -25.61 -56.95 -32.10
C LYS B 261 -24.89 -56.19 -31.00
N LYS B 262 -25.53 -55.14 -30.49
CA LYS B 262 -24.89 -54.17 -29.61
C LYS B 262 -25.63 -53.94 -28.30
N SER B 263 -26.67 -54.73 -28.03
CA SER B 263 -27.50 -54.49 -26.86
C SER B 263 -27.18 -55.46 -25.73
N THR B 264 -27.82 -55.26 -24.59
CA THR B 264 -27.60 -56.13 -23.45
C THR B 264 -28.80 -56.13 -22.53
N ILE B 265 -28.67 -56.83 -21.40
CA ILE B 265 -29.76 -56.98 -20.46
C ILE B 265 -29.29 -56.65 -19.05
N LEU B 266 -30.15 -56.00 -18.29
CA LEU B 266 -29.84 -55.65 -16.90
C LEU B 266 -30.96 -56.13 -16.00
N ASN B 267 -30.63 -57.04 -15.08
CA ASN B 267 -31.62 -57.56 -14.14
C ASN B 267 -31.66 -56.69 -12.89
N THR B 268 -32.76 -55.96 -12.72
CA THR B 268 -32.90 -55.07 -11.55
C THR B 268 -34.37 -54.76 -11.25
N ALA B 269 -34.65 -54.42 -9.99
CA ALA B 269 -36.00 -54.07 -9.58
C ALA B 269 -36.20 -52.56 -9.58
N ILE B 270 -35.11 -51.83 -9.82
CA ILE B 270 -35.12 -50.37 -9.81
C ILE B 270 -36.07 -49.80 -10.87
N PRO B 271 -36.96 -48.87 -10.47
CA PRO B 271 -37.94 -48.32 -11.40
C PRO B 271 -37.34 -47.34 -12.40
N ILE B 272 -37.92 -47.29 -13.60
CA ILE B 272 -37.50 -46.33 -14.62
C ILE B 272 -38.08 -44.94 -14.30
N GLY B 273 -37.23 -43.92 -14.29
CA GLY B 273 -37.66 -42.58 -13.95
C GLY B 273 -37.61 -41.58 -15.10
N SER B 274 -37.19 -40.36 -14.80
CA SER B 274 -37.23 -39.26 -15.77
C SER B 274 -35.88 -38.56 -15.92
N CYS B 275 -34.85 -39.13 -15.31
CA CYS B 275 -33.52 -38.56 -15.36
C CYS B 275 -32.83 -38.79 -16.70
N VAL B 276 -31.67 -38.15 -16.89
CA VAL B 276 -30.87 -38.34 -18.09
C VAL B 276 -29.50 -38.90 -17.71
N SER B 277 -29.14 -40.05 -18.25
CA SER B 277 -27.86 -40.69 -17.97
C SER B 277 -27.55 -41.84 -18.90
N LYS B 278 -26.26 -41.99 -19.21
CA LYS B 278 -25.79 -43.04 -20.10
C LYS B 278 -25.20 -44.24 -19.34
N CYS B 279 -25.27 -44.20 -18.01
CA CYS B 279 -24.68 -45.27 -17.20
C CYS B 279 -25.70 -45.89 -16.25
N HIS B 280 -25.91 -47.19 -16.40
CA HIS B 280 -26.90 -47.92 -15.61
C HIS B 280 -26.27 -49.08 -14.84
N THR B 281 -26.49 -49.08 -13.52
CA THR B 281 -26.10 -50.20 -12.69
C THR B 281 -27.35 -50.90 -12.18
N ASP B 282 -27.19 -52.07 -11.56
CA ASP B 282 -28.34 -52.78 -11.00
C ASP B 282 -28.82 -52.11 -9.71
N LYS B 283 -28.12 -51.07 -9.26
CA LYS B 283 -28.59 -50.29 -8.12
C LYS B 283 -29.27 -49.01 -8.59
N GLY B 284 -29.27 -48.79 -9.90
CA GLY B 284 -29.80 -47.56 -10.46
C GLY B 284 -28.78 -46.87 -11.34
N SER B 285 -29.18 -45.76 -11.95
CA SER B 285 -28.32 -45.04 -12.88
C SER B 285 -27.30 -44.18 -12.13
N LEU B 286 -26.16 -43.94 -12.76
CA LEU B 286 -25.15 -43.06 -12.23
C LEU B 286 -25.20 -41.74 -12.97
N SER B 287 -25.08 -40.64 -12.23
CA SER B 287 -25.00 -39.33 -12.84
C SER B 287 -23.74 -38.64 -12.33
N THR B 288 -22.65 -38.76 -13.08
CA THR B 288 -21.33 -38.39 -12.56
C THR B 288 -20.32 -38.18 -13.67
N THR B 289 -19.29 -37.39 -13.37
CA THR B 289 -18.15 -37.22 -14.27
C THR B 289 -16.91 -37.89 -13.71
N LYS B 290 -17.04 -38.51 -12.55
CA LYS B 290 -15.90 -39.18 -11.91
C LYS B 290 -15.47 -40.39 -12.74
N PRO B 291 -14.17 -40.71 -12.73
CA PRO B 291 -13.66 -41.82 -13.54
C PRO B 291 -13.90 -43.21 -12.93
N PHE B 292 -14.16 -43.28 -11.63
CA PHE B 292 -14.33 -44.56 -10.95
C PHE B 292 -15.63 -44.59 -10.14
N GLN B 293 -16.06 -45.78 -9.75
CA GLN B 293 -17.24 -45.93 -8.93
C GLN B 293 -17.14 -47.20 -8.09
N ASN B 294 -17.72 -47.16 -6.89
CA ASN B 294 -17.72 -48.34 -6.03
C ASN B 294 -19.12 -48.89 -5.80
N ILE B 295 -20.06 -48.51 -6.66
CA ILE B 295 -21.46 -48.87 -6.45
C ILE B 295 -21.78 -50.31 -6.87
N SER B 296 -21.36 -50.71 -8.07
CA SER B 296 -21.59 -52.10 -8.50
C SER B 296 -20.71 -52.50 -9.67
N ARG B 297 -20.25 -53.74 -9.66
CA ARG B 297 -19.54 -54.31 -10.79
C ARG B 297 -20.48 -54.52 -11.98
N ILE B 298 -21.78 -54.59 -11.70
CA ILE B 298 -22.79 -54.74 -12.75
C ILE B 298 -23.17 -53.35 -13.24
N ALA B 299 -22.59 -52.97 -14.39
CA ALA B 299 -22.76 -51.62 -14.91
C ALA B 299 -22.76 -51.64 -16.42
N VAL B 300 -23.70 -50.92 -17.01
CA VAL B 300 -23.91 -50.97 -18.45
C VAL B 300 -23.99 -49.56 -19.03
N GLY B 301 -23.33 -49.36 -20.17
CA GLY B 301 -23.38 -48.09 -20.86
C GLY B 301 -22.09 -47.32 -20.76
N ASP B 302 -22.20 -46.01 -20.55
CA ASP B 302 -21.04 -45.12 -20.42
C ASP B 302 -20.74 -44.90 -18.95
N CYS B 303 -19.98 -45.80 -18.34
CA CYS B 303 -19.86 -45.84 -16.89
C CYS B 303 -18.44 -45.59 -16.40
N PRO B 304 -18.32 -45.08 -15.17
CA PRO B 304 -16.99 -45.08 -14.54
C PRO B 304 -16.53 -46.51 -14.33
N ARG B 305 -15.23 -46.70 -14.15
CA ARG B 305 -14.73 -48.04 -13.91
C ARG B 305 -14.95 -48.45 -12.46
N TYR B 306 -15.39 -49.69 -12.25
CA TYR B 306 -15.66 -50.19 -10.92
C TYR B 306 -14.38 -50.55 -10.17
N VAL B 307 -14.27 -50.08 -8.93
CA VAL B 307 -13.09 -50.34 -8.12
C VAL B 307 -13.51 -50.70 -6.70
N LYS B 308 -12.56 -51.24 -5.92
CA LYS B 308 -12.83 -51.63 -4.54
C LYS B 308 -12.81 -50.46 -3.56
N GLN B 309 -12.04 -49.41 -3.87
CA GLN B 309 -11.91 -48.29 -2.95
C GLN B 309 -13.21 -47.50 -2.81
N GLY B 310 -13.50 -47.08 -1.59
CA GLY B 310 -14.64 -46.21 -1.32
C GLY B 310 -14.33 -44.75 -1.59
N SER B 311 -13.04 -44.41 -1.62
CA SER B 311 -12.62 -43.02 -1.81
C SER B 311 -11.20 -42.92 -2.34
N LEU B 312 -11.01 -42.04 -3.33
CA LEU B 312 -9.68 -41.68 -3.82
C LEU B 312 -9.63 -40.19 -4.13
N LYS B 313 -8.88 -39.45 -3.34
CA LYS B 313 -8.86 -38.00 -3.48
C LYS B 313 -7.68 -37.50 -4.29
N LEU B 314 -7.99 -36.83 -5.39
CA LEU B 314 -6.99 -36.25 -6.28
C LEU B 314 -6.68 -34.83 -5.84
N ALA B 315 -5.42 -34.54 -5.51
CA ALA B 315 -5.03 -33.18 -5.15
C ALA B 315 -5.22 -32.22 -6.31
N THR B 316 -5.82 -31.07 -6.05
CA THR B 316 -5.98 -30.01 -7.05
C THR B 316 -5.35 -28.71 -6.58
N GLY B 317 -4.49 -28.80 -5.56
CA GLY B 317 -3.84 -27.63 -5.02
C GLY B 317 -2.57 -28.00 -4.28
N MET B 318 -1.86 -26.98 -3.79
CA MET B 318 -0.62 -27.18 -3.07
C MET B 318 -0.86 -27.67 -1.64
N ARG B 319 0.23 -28.03 -0.96
CA ARG B 319 0.18 -28.32 0.47
C ARG B 319 -0.46 -27.16 1.20
N ASN B 320 -1.32 -27.48 2.16
CA ASN B 320 -1.92 -26.45 3.00
C ASN B 320 -1.20 -26.33 4.34
N ILE B 321 -0.55 -25.20 4.56
CA ILE B 321 0.14 -24.91 5.82
C ILE B 321 -0.37 -23.58 6.39
N PRO B 322 -1.47 -23.63 7.14
CA PRO B 322 -2.12 -22.39 7.59
C PRO B 322 -1.29 -21.59 8.59
N GLU B 323 -1.70 -20.33 8.77
CA GLU B 323 -1.30 -19.31 9.76
C GLU B 323 -0.76 -18.06 9.05
N LEU B 329 11.74 -32.33 -5.20
CA LEU B 329 11.14 -31.32 -4.33
C LEU B 329 12.13 -30.21 -3.92
N PHE B 330 11.61 -28.99 -3.85
CA PHE B 330 12.50 -27.85 -3.81
C PHE B 330 12.67 -27.25 -2.43
N GLY B 331 11.87 -27.72 -1.48
CA GLY B 331 12.04 -27.32 -0.10
C GLY B 331 11.61 -25.89 0.15
N ALA B 332 10.69 -25.39 -0.68
CA ALA B 332 10.15 -24.05 -0.50
C ALA B 332 8.88 -24.10 0.35
N ILE B 333 7.80 -24.60 -0.24
CA ILE B 333 6.54 -24.81 0.48
C ILE B 333 6.75 -25.84 1.60
N ALA B 334 6.30 -25.49 2.81
CA ALA B 334 6.59 -26.28 4.01
C ALA B 334 8.09 -26.51 4.16
N GLY B 335 8.88 -25.53 3.74
CA GLY B 335 10.32 -25.64 3.74
C GLY B 335 10.94 -24.36 4.27
N PHE B 336 11.73 -23.67 3.46
CA PHE B 336 12.31 -22.42 3.93
C PHE B 336 11.20 -21.36 3.99
N ILE B 337 10.08 -21.61 3.33
CA ILE B 337 8.91 -20.79 3.56
C ILE B 337 8.07 -21.49 4.62
N GLU B 338 7.92 -20.84 5.77
CA GLU B 338 7.45 -21.54 6.97
C GLU B 338 5.96 -21.86 6.92
N ASN B 339 5.15 -20.97 6.35
CA ASN B 339 3.74 -21.26 6.19
C ASN B 339 3.12 -20.44 5.07
N GLY B 340 1.88 -20.78 4.73
CA GLY B 340 1.15 -20.05 3.71
C GLY B 340 0.35 -18.91 4.32
N TRP B 341 -0.28 -18.13 3.46
CA TRP B 341 -0.99 -16.93 3.88
C TRP B 341 -2.50 -17.09 3.66
N GLN B 342 -3.27 -17.16 4.72
CA GLN B 342 -4.72 -17.25 4.55
C GLN B 342 -5.29 -15.96 3.97
N GLY B 343 -4.57 -14.86 4.15
CA GLY B 343 -5.01 -13.57 3.64
C GLY B 343 -4.91 -13.45 2.13
N LEU B 344 -4.12 -14.33 1.50
CA LEU B 344 -3.94 -14.27 0.05
C LEU B 344 -5.09 -15.00 -0.64
N ILE B 345 -6.13 -14.24 -1.03
CA ILE B 345 -7.36 -14.86 -1.51
C ILE B 345 -7.57 -14.74 -3.00
N ASP B 346 -6.72 -14.00 -3.69
CA ASP B 346 -6.89 -13.83 -5.12
C ASP B 346 -5.72 -14.37 -5.93
N GLY B 347 -4.97 -15.31 -5.37
CA GLY B 347 -3.89 -15.97 -6.08
C GLY B 347 -3.31 -17.13 -5.29
N TRP B 348 -2.53 -17.99 -5.95
CA TRP B 348 -1.87 -19.10 -5.26
C TRP B 348 -0.55 -18.67 -4.67
N TYR B 349 0.10 -17.71 -5.34
CA TYR B 349 1.38 -17.18 -4.92
C TYR B 349 1.33 -15.67 -4.90
N GLY B 350 2.26 -15.05 -4.17
CA GLY B 350 2.29 -13.62 -4.11
C GLY B 350 3.44 -12.99 -3.36
N PHE B 351 3.33 -11.68 -3.18
CA PHE B 351 4.34 -10.85 -2.54
C PHE B 351 3.78 -10.21 -1.27
N ARG B 352 4.56 -10.22 -0.20
CA ARG B 352 4.23 -9.45 1.00
C ARG B 352 5.44 -8.61 1.34
N HIS B 353 5.24 -7.30 1.52
CA HIS B 353 6.34 -6.37 1.71
C HIS B 353 6.14 -5.46 2.90
N GLN B 354 7.24 -4.87 3.33
CA GLN B 354 7.20 -3.76 4.28
C GLN B 354 8.23 -2.72 3.87
N ASN B 355 7.82 -1.46 3.80
CA ASN B 355 8.74 -0.36 3.55
C ASN B 355 8.39 0.78 4.48
N ALA B 356 8.91 1.98 4.21
CA ALA B 356 8.67 3.10 5.09
C ALA B 356 7.19 3.52 5.09
N GLU B 357 6.53 3.37 3.93
CA GLU B 357 5.12 3.74 3.74
C GLU B 357 4.12 2.81 4.42
N GLY B 358 4.52 1.57 4.70
CA GLY B 358 3.63 0.60 5.27
C GLY B 358 3.86 -0.83 4.80
N THR B 359 2.77 -1.59 4.68
CA THR B 359 2.83 -3.00 4.28
C THR B 359 1.79 -3.33 3.20
N GLY B 360 1.97 -4.46 2.52
CA GLY B 360 1.04 -4.89 1.49
C GLY B 360 1.20 -6.34 1.07
N THR B 361 0.11 -6.94 0.60
CA THR B 361 0.12 -8.28 0.04
C THR B 361 -0.52 -8.23 -1.32
N ALA B 362 0.16 -8.79 -2.33
CA ALA B 362 -0.41 -8.86 -3.68
C ALA B 362 -0.13 -10.21 -4.34
N ALA B 363 -1.11 -10.71 -5.08
CA ALA B 363 -0.96 -12.00 -5.76
C ALA B 363 -0.06 -11.87 -6.99
N ASP B 364 0.67 -12.93 -7.31
CA ASP B 364 1.40 -12.99 -8.57
C ASP B 364 0.65 -13.88 -9.56
N LEU B 365 0.28 -13.29 -10.69
CA LEU B 365 -0.62 -13.93 -11.63
C LEU B 365 0.04 -15.05 -12.44
N LYS B 366 1.27 -14.80 -12.89
CA LYS B 366 1.93 -15.71 -13.80
C LYS B 366 2.28 -17.05 -13.13
N SER B 367 2.85 -16.98 -11.92
CA SER B 367 3.13 -18.19 -11.15
C SER B 367 1.82 -18.93 -10.82
N THR B 368 0.81 -18.19 -10.40
CA THR B 368 -0.49 -18.79 -10.07
C THR B 368 -1.05 -19.54 -11.26
N GLN B 369 -1.02 -18.90 -12.43
CA GLN B 369 -1.59 -19.46 -13.64
C GLN B 369 -0.80 -20.67 -14.14
N ALA B 370 0.52 -20.61 -14.02
CA ALA B 370 1.39 -21.71 -14.43
C ALA B 370 1.09 -22.96 -13.63
N ALA B 371 0.90 -22.80 -12.32
CA ALA B 371 0.57 -23.91 -11.45
C ALA B 371 -0.78 -24.51 -11.84
N ILE B 372 -1.77 -23.63 -11.93
CA ILE B 372 -3.14 -24.01 -12.29
C ILE B 372 -3.17 -24.77 -13.62
N ASP B 373 -2.48 -24.23 -14.62
CA ASP B 373 -2.43 -24.85 -15.95
C ASP B 373 -1.90 -26.28 -15.93
N GLN B 374 -0.95 -26.57 -15.03
CA GLN B 374 -0.33 -27.89 -14.97
C GLN B 374 -1.10 -28.88 -14.09
N ILE B 375 -2.11 -28.39 -13.39
CA ILE B 375 -2.81 -29.19 -12.40
C ILE B 375 -4.29 -29.38 -12.74
N ASN B 376 -4.97 -28.32 -13.17
CA ASN B 376 -6.40 -28.44 -13.52
C ASN B 376 -6.71 -29.50 -14.55
N GLY B 377 -7.60 -30.42 -14.18
CA GLY B 377 -8.07 -31.46 -15.08
C GLY B 377 -6.95 -32.23 -15.71
N LYS B 378 -5.96 -32.64 -14.91
CA LYS B 378 -4.83 -33.35 -15.47
C LYS B 378 -5.21 -34.79 -15.84
N LEU B 379 -6.34 -35.26 -15.34
CA LEU B 379 -6.76 -36.63 -15.64
C LEU B 379 -7.57 -36.79 -16.93
N ASN B 380 -8.11 -35.69 -17.44
CA ASN B 380 -8.87 -35.75 -18.69
C ASN B 380 -8.01 -36.28 -19.82
N ARG B 381 -6.75 -35.85 -19.82
CA ARG B 381 -5.81 -36.21 -20.88
C ARG B 381 -5.27 -37.62 -20.72
N LEU B 382 -5.71 -38.30 -19.66
CA LEU B 382 -5.09 -39.56 -19.27
C LEU B 382 -6.07 -40.74 -19.20
N ILE B 383 -6.95 -40.72 -18.21
CA ILE B 383 -7.88 -41.83 -18.01
C ILE B 383 -9.06 -41.75 -18.99
N GLU B 384 -8.72 -41.60 -20.27
CA GLU B 384 -9.70 -41.64 -21.36
C GLU B 384 -10.74 -40.53 -21.22
N LYS B 385 -11.90 -40.77 -21.83
CA LYS B 385 -13.11 -40.05 -21.49
C LYS B 385 -14.13 -41.12 -21.15
N THR B 386 -14.48 -41.95 -22.13
CA THR B 386 -15.57 -42.90 -21.93
C THR B 386 -15.15 -44.37 -21.99
N ASN B 387 -15.88 -45.18 -21.24
CA ASN B 387 -15.72 -46.60 -21.17
C ASN B 387 -17.08 -47.18 -21.54
N ASP B 388 -17.41 -47.17 -22.84
CA ASP B 388 -18.72 -47.61 -23.32
C ASP B 388 -18.80 -49.13 -23.41
N LYS B 389 -19.40 -49.75 -22.40
CA LYS B 389 -19.50 -51.21 -22.37
C LYS B 389 -20.96 -51.65 -22.28
N TYR B 390 -21.40 -52.46 -23.24
CA TYR B 390 -22.78 -52.89 -23.23
C TYR B 390 -22.87 -54.36 -22.86
N HIS B 391 -22.84 -55.25 -23.84
CA HIS B 391 -22.97 -56.67 -23.49
C HIS B 391 -21.65 -57.18 -22.94
N GLN B 392 -21.69 -57.72 -21.73
CA GLN B 392 -20.48 -58.19 -21.07
C GLN B 392 -20.62 -59.67 -20.68
N ILE B 393 -20.55 -59.96 -19.39
CA ILE B 393 -20.83 -61.30 -18.89
C ILE B 393 -21.71 -61.19 -17.66
N GLU B 394 -22.28 -62.31 -17.23
CA GLU B 394 -23.02 -62.33 -15.98
C GLU B 394 -22.02 -62.22 -14.82
N LYS B 395 -22.42 -61.51 -13.76
CA LYS B 395 -21.49 -61.22 -12.69
C LYS B 395 -21.99 -61.64 -11.31
N GLU B 396 -23.29 -61.92 -11.17
CA GLU B 396 -23.70 -62.61 -9.95
C GLU B 396 -24.63 -63.77 -10.25
N PHE B 397 -24.61 -64.75 -9.35
CA PHE B 397 -25.20 -66.06 -9.62
C PHE B 397 -25.97 -66.59 -8.41
N GLU B 398 -27.03 -67.34 -8.69
CA GLU B 398 -27.88 -67.91 -7.66
C GLU B 398 -27.18 -69.00 -6.87
N GLN B 399 -26.81 -70.05 -7.58
CA GLN B 399 -26.19 -71.22 -6.99
C GLN B 399 -24.93 -71.53 -7.78
N VAL B 400 -23.98 -72.19 -7.15
CA VAL B 400 -22.76 -72.60 -7.82
C VAL B 400 -23.06 -73.59 -8.95
N GLU B 401 -22.32 -73.49 -10.05
CA GLU B 401 -22.46 -74.41 -11.17
C GLU B 401 -21.17 -75.17 -11.43
N GLY B 402 -20.06 -74.63 -10.94
CA GLY B 402 -18.77 -75.26 -11.20
C GLY B 402 -17.90 -74.51 -12.18
N ARG B 403 -17.33 -75.24 -13.14
CA ARG B 403 -16.21 -74.78 -13.96
C ARG B 403 -16.42 -73.44 -14.68
N ILE B 404 -17.48 -73.34 -15.47
CA ILE B 404 -17.71 -72.13 -16.26
C ILE B 404 -17.98 -70.92 -15.37
N GLN B 405 -18.78 -71.11 -14.34
CA GLN B 405 -19.05 -70.02 -13.40
C GLN B 405 -17.79 -69.60 -12.65
N ASP B 406 -16.95 -70.56 -12.29
CA ASP B 406 -15.69 -70.24 -11.59
C ASP B 406 -14.84 -69.30 -12.44
N LEU B 407 -14.80 -69.58 -13.73
CA LEU B 407 -14.00 -68.81 -14.66
C LEU B 407 -14.59 -67.41 -14.86
N GLU B 408 -15.91 -67.32 -14.98
CA GLU B 408 -16.57 -66.03 -15.09
C GLU B 408 -16.30 -65.14 -13.88
N LYS B 409 -16.35 -65.72 -12.69
CA LYS B 409 -16.11 -64.95 -11.47
C LYS B 409 -14.64 -64.55 -11.34
N TYR B 410 -13.74 -65.47 -11.70
CA TYR B 410 -12.31 -65.22 -11.66
C TYR B 410 -11.90 -64.13 -12.63
N VAL B 411 -12.46 -64.16 -13.83
CA VAL B 411 -12.17 -63.12 -14.83
C VAL B 411 -12.57 -61.74 -14.30
N GLU B 412 -13.74 -61.68 -13.66
CA GLU B 412 -14.24 -60.39 -13.18
C GLU B 412 -13.43 -59.92 -11.98
N ASP B 413 -13.13 -60.84 -11.06
CA ASP B 413 -12.35 -60.52 -9.88
C ASP B 413 -10.95 -60.06 -10.27
N THR B 414 -10.38 -60.72 -11.28
CA THR B 414 -9.08 -60.34 -11.80
C THR B 414 -9.10 -58.91 -12.36
N LYS B 415 -10.11 -58.64 -13.16
CA LYS B 415 -10.29 -57.32 -13.76
C LYS B 415 -10.42 -56.22 -12.72
N ILE B 416 -11.28 -56.44 -11.73
CA ILE B 416 -11.50 -55.45 -10.68
C ILE B 416 -10.22 -55.14 -9.88
N ASP B 417 -9.48 -56.17 -9.50
CA ASP B 417 -8.22 -55.95 -8.78
C ASP B 417 -7.23 -55.12 -9.59
N LEU B 418 -7.13 -55.40 -10.88
CA LEU B 418 -6.19 -54.66 -11.72
C LEU B 418 -6.59 -53.20 -11.87
N TRP B 419 -7.88 -52.94 -12.07
CA TRP B 419 -8.32 -51.54 -12.18
C TRP B 419 -8.23 -50.81 -10.85
N SER B 420 -8.50 -51.51 -9.76
CA SER B 420 -8.37 -50.93 -8.44
C SER B 420 -6.91 -50.54 -8.20
N TYR B 421 -5.98 -51.41 -8.62
CA TYR B 421 -4.56 -51.10 -8.50
C TYR B 421 -4.21 -49.88 -9.34
N ASN B 422 -4.69 -49.83 -10.58
CA ASN B 422 -4.44 -48.69 -11.46
C ASN B 422 -4.91 -47.38 -10.82
N ALA B 423 -6.13 -47.40 -10.28
CA ALA B 423 -6.70 -46.22 -9.64
C ALA B 423 -5.84 -45.74 -8.46
N GLU B 424 -5.43 -46.68 -7.62
CA GLU B 424 -4.59 -46.36 -6.46
C GLU B 424 -3.26 -45.68 -6.87
N LEU B 425 -2.55 -46.31 -7.80
CA LEU B 425 -1.26 -45.81 -8.24
C LEU B 425 -1.40 -44.47 -8.96
N LEU B 426 -2.41 -44.37 -9.81
CA LEU B 426 -2.64 -43.16 -10.58
C LEU B 426 -2.78 -41.94 -9.66
N VAL B 427 -3.64 -42.06 -8.65
CA VAL B 427 -3.86 -40.96 -7.72
C VAL B 427 -2.60 -40.63 -6.90
N ALA B 428 -1.88 -41.66 -6.43
CA ALA B 428 -0.65 -41.40 -5.67
C ALA B 428 0.42 -40.71 -6.53
N LEU B 429 0.57 -41.17 -7.76
CA LEU B 429 1.50 -40.57 -8.71
C LEU B 429 1.16 -39.13 -9.03
N GLU B 430 -0.09 -38.89 -9.40
CA GLU B 430 -0.51 -37.55 -9.77
C GLU B 430 -0.36 -36.60 -8.60
N ASN B 431 -0.70 -37.06 -7.40
CA ASN B 431 -0.63 -36.21 -6.23
C ASN B 431 0.80 -35.84 -5.92
N GLN B 432 1.69 -36.82 -6.03
CA GLN B 432 3.11 -36.57 -5.85
C GLN B 432 3.59 -35.51 -6.84
N HIS B 433 3.15 -35.64 -8.09
CA HIS B 433 3.53 -34.69 -9.12
C HIS B 433 2.95 -33.29 -8.84
N THR B 434 1.68 -33.26 -8.44
CA THR B 434 1.00 -32.00 -8.17
C THR B 434 1.71 -31.22 -7.07
N ILE B 435 2.09 -31.93 -6.00
CA ILE B 435 2.79 -31.30 -4.89
C ILE B 435 4.15 -30.77 -5.34
N ASP B 436 4.85 -31.55 -6.15
CA ASP B 436 6.16 -31.10 -6.64
C ASP B 436 6.05 -29.93 -7.61
N VAL B 437 5.01 -29.92 -8.44
CA VAL B 437 4.78 -28.78 -9.33
C VAL B 437 4.53 -27.50 -8.53
N THR B 438 3.72 -27.58 -7.48
CA THR B 438 3.38 -26.37 -6.73
C THR B 438 4.57 -25.86 -5.93
N ASP B 439 5.37 -26.79 -5.40
CA ASP B 439 6.60 -26.44 -4.71
C ASP B 439 7.58 -25.81 -5.69
N SER B 440 7.68 -26.41 -6.87
CA SER B 440 8.48 -25.86 -7.97
C SER B 440 8.10 -24.42 -8.35
N GLU B 441 6.80 -24.16 -8.53
CA GLU B 441 6.38 -22.84 -8.97
C GLU B 441 6.64 -21.78 -7.90
N MET B 442 6.55 -22.17 -6.62
CA MET B 442 6.93 -21.30 -5.53
C MET B 442 8.39 -20.91 -5.64
N ASN B 443 9.25 -21.90 -5.85
CA ASN B 443 10.67 -21.66 -5.97
C ASN B 443 11.02 -20.82 -7.21
N LYS B 444 10.34 -21.07 -8.33
CA LYS B 444 10.57 -20.29 -9.54
C LYS B 444 10.27 -18.81 -9.32
N LEU B 445 9.21 -18.53 -8.58
CA LEU B 445 8.85 -17.15 -8.28
C LEU B 445 9.93 -16.51 -7.40
N PHE B 446 10.36 -17.22 -6.38
CA PHE B 446 11.41 -16.72 -5.50
C PHE B 446 12.68 -16.41 -6.30
N GLU B 447 13.08 -17.36 -7.15
CA GLU B 447 14.27 -17.21 -7.97
C GLU B 447 14.16 -16.08 -8.99
N ARG B 448 12.96 -15.88 -9.53
CA ARG B 448 12.72 -14.79 -10.47
C ARG B 448 13.01 -13.46 -9.78
N VAL B 449 12.47 -13.29 -8.58
CA VAL B 449 12.64 -12.05 -7.84
C VAL B 449 14.10 -11.87 -7.42
N ARG B 450 14.72 -12.95 -6.94
CA ARG B 450 16.13 -12.93 -6.58
C ARG B 450 16.99 -12.35 -7.71
N ARG B 451 16.72 -12.82 -8.93
CA ARG B 451 17.48 -12.37 -10.09
C ARG B 451 17.18 -10.92 -10.47
N GLN B 452 15.94 -10.48 -10.30
CA GLN B 452 15.62 -9.06 -10.51
C GLN B 452 16.44 -8.16 -9.60
N LEU B 453 16.61 -8.59 -8.35
CA LEU B 453 17.17 -7.73 -7.31
C LEU B 453 18.69 -7.62 -7.40
N ARG B 454 19.31 -8.65 -7.98
CA ARG B 454 20.72 -8.57 -8.33
C ARG B 454 21.56 -8.34 -7.05
N GLU B 455 22.35 -7.28 -7.01
CA GLU B 455 23.20 -7.01 -5.85
C GLU B 455 22.57 -6.07 -4.84
N ASN B 456 21.30 -5.72 -5.04
CA ASN B 456 20.66 -4.72 -4.20
C ASN B 456 19.92 -5.29 -2.99
N ALA B 457 19.93 -6.61 -2.85
CA ALA B 457 19.20 -7.28 -1.78
C ALA B 457 19.89 -8.56 -1.32
N GLU B 458 19.51 -9.03 -0.14
CA GLU B 458 20.06 -10.27 0.42
C GLU B 458 18.95 -11.19 0.90
N ASP B 459 19.09 -12.48 0.59
CA ASP B 459 18.19 -13.53 1.04
C ASP B 459 18.24 -13.68 2.57
N LYS B 460 17.12 -13.43 3.24
CA LYS B 460 17.08 -13.54 4.70
C LYS B 460 16.91 -15.00 5.16
N GLY B 461 16.49 -15.87 4.24
CA GLY B 461 16.39 -17.29 4.53
C GLY B 461 15.00 -17.87 4.68
N ASN B 462 13.99 -17.00 4.75
CA ASN B 462 12.61 -17.41 4.96
C ASN B 462 11.70 -17.05 3.79
N GLY B 463 12.27 -17.03 2.59
CA GLY B 463 11.55 -16.56 1.42
C GLY B 463 11.50 -15.05 1.30
N CYS B 464 12.24 -14.34 2.15
CA CYS B 464 12.25 -12.87 2.13
C CYS B 464 13.60 -12.29 1.74
N PHE B 465 13.54 -11.13 1.06
CA PHE B 465 14.74 -10.36 0.77
C PHE B 465 14.77 -9.07 1.57
N GLU B 466 15.89 -8.82 2.23
CA GLU B 466 16.15 -7.51 2.78
C GLU B 466 16.67 -6.63 1.64
N ILE B 467 15.96 -5.53 1.38
CA ILE B 467 16.32 -4.66 0.28
C ILE B 467 17.13 -3.48 0.80
N PHE B 468 18.35 -3.34 0.29
CA PHE B 468 19.30 -2.41 0.92
C PHE B 468 19.24 -0.99 0.36
N HIS B 469 18.03 -0.53 0.08
CA HIS B 469 17.80 0.84 -0.37
C HIS B 469 16.36 1.20 -0.12
N LYS B 470 16.07 2.49 -0.05
CA LYS B 470 14.69 2.96 0.06
C LYS B 470 13.90 2.45 -1.12
N CYS B 471 12.75 1.84 -0.84
CA CYS B 471 11.92 1.26 -1.88
C CYS B 471 10.47 1.61 -1.55
N ASP B 472 9.98 2.69 -2.14
CA ASP B 472 8.60 3.13 -1.87
C ASP B 472 7.60 2.26 -2.63
N ASN B 473 6.31 2.56 -2.50
CA ASN B 473 5.28 1.72 -3.11
C ASN B 473 5.45 1.56 -4.62
N ASN B 474 5.87 2.62 -5.31
CA ASN B 474 6.14 2.51 -6.73
C ASN B 474 7.30 1.56 -7.01
N CYS B 475 8.37 1.68 -6.22
CA CYS B 475 9.51 0.77 -6.30
C CYS B 475 9.07 -0.69 -6.09
N ILE B 476 8.29 -0.95 -5.04
CA ILE B 476 7.81 -2.30 -4.75
C ILE B 476 7.05 -2.86 -5.92
N GLU B 477 6.12 -2.07 -6.45
CA GLU B 477 5.31 -2.49 -7.59
C GLU B 477 6.17 -2.77 -8.82
N SER B 478 7.27 -2.03 -8.99
CA SER B 478 8.16 -2.29 -10.12
C SER B 478 8.80 -3.68 -10.01
N ILE B 479 9.08 -4.11 -8.78
CA ILE B 479 9.58 -5.47 -8.56
C ILE B 479 8.51 -6.49 -8.91
N ARG B 480 7.29 -6.26 -8.45
CA ARG B 480 6.20 -7.19 -8.67
C ARG B 480 5.82 -7.28 -10.15
N ASN B 481 5.90 -6.18 -10.90
CA ASN B 481 5.49 -6.22 -12.31
C ASN B 481 6.67 -6.40 -13.26
N GLY B 482 7.86 -6.63 -12.71
CA GLY B 482 9.02 -6.97 -13.50
C GLY B 482 9.74 -5.84 -14.22
N THR B 483 9.54 -4.60 -13.77
CA THR B 483 10.19 -3.45 -14.40
C THR B 483 11.32 -2.84 -13.55
N TYR B 484 11.54 -3.41 -12.37
CA TYR B 484 12.60 -2.95 -11.47
C TYR B 484 13.95 -2.93 -12.17
N ASP B 485 14.58 -1.76 -12.18
CA ASP B 485 15.89 -1.55 -12.78
C ASP B 485 16.94 -1.45 -11.67
N HIS B 486 17.70 -2.52 -11.47
CA HIS B 486 18.65 -2.61 -10.37
C HIS B 486 19.75 -1.54 -10.41
N ASP B 487 20.12 -1.09 -11.62
CA ASP B 487 21.18 -0.08 -11.76
C ASP B 487 20.81 1.24 -11.11
N ILE B 488 19.51 1.56 -11.09
CA ILE B 488 19.03 2.78 -10.44
C ILE B 488 19.45 2.87 -8.97
N TYR B 489 19.39 1.76 -8.26
CA TYR B 489 19.63 1.75 -6.82
C TYR B 489 20.95 1.13 -6.37
N ARG B 490 21.74 0.65 -7.32
CA ARG B 490 22.88 -0.20 -6.99
C ARG B 490 23.92 0.51 -6.12
N ASP B 491 24.22 1.76 -6.44
CA ASP B 491 25.21 2.51 -5.65
C ASP B 491 24.76 2.64 -4.21
N GLU B 492 23.51 3.01 -4.02
CA GLU B 492 22.93 3.13 -2.67
C GLU B 492 22.98 1.79 -1.94
N ALA B 493 22.55 0.73 -2.63
CA ALA B 493 22.49 -0.61 -2.05
C ALA B 493 23.86 -1.14 -1.65
N ILE B 494 24.84 -1.03 -2.55
CA ILE B 494 26.18 -1.54 -2.29
C ILE B 494 26.81 -0.87 -1.06
N ASN B 495 26.66 0.45 -0.96
CA ASN B 495 27.15 1.20 0.20
C ASN B 495 26.51 0.71 1.49
N ASN B 496 25.20 0.43 1.45
CA ASN B 496 24.49 -0.05 2.64
C ASN B 496 24.88 -1.47 3.02
N ARG B 497 25.11 -2.32 2.03
CA ARG B 497 25.44 -3.72 2.31
C ARG B 497 26.82 -3.91 2.96
N PHE B 498 27.80 -3.17 2.45
CA PHE B 498 29.19 -3.47 2.80
C PHE B 498 29.88 -2.39 3.63
N GLN B 499 29.11 -1.39 4.05
CA GLN B 499 29.64 -0.33 4.91
C GLN B 499 28.61 0.13 5.93
#